data_1VAF
#
_entry.id   1VAF
#
_cell.length_a   216.344
_cell.length_b   216.344
_cell.length_c   117.835
_cell.angle_alpha   90.00
_cell.angle_beta   90.00
_cell.angle_gamma   120.00
#
_symmetry.space_group_name_H-M   'P 61 2 2'
#
loop_
_entity.id
_entity.type
_entity.pdbx_description
1 polymer 'Nitric oxide synthase, inducible'
2 non-polymer 'ZINC ION'
3 non-polymer 'PROTOPORPHYRIN IX CONTAINING FE'
4 non-polymer 5,6,7,8-TETRAHYDROBIOPTERIN
5 non-polymer N-(4-{2-[(3-CHLOROBENZYL)AMINO]ETHYL}PHENYL)THIOPHENE-2-CARBOXIMIDAMIDE
6 water water
#
_entity_poly.entity_id   1
_entity_poly.type   'polypeptide(L)'
_entity_poly.pdbx_seq_one_letter_code
;QYVRIKNWGSGEILHDTLHHKATSDFTCKSKSCLGSIMNPKSLTRGPRDKPTPLEELLPHAIEFINQYYGSFKEAKIEEH
LARLEAVTKEIETTGTYQLTLDELIFATKMAWRNAPRCIGRIQWSNLQVFDARNCSTAQEMFQHICRHILYATNNGNIRS
AITVFPQRSDGKHDFRLWNSQLIRYAGYQMPDGTIRGDAATLEFTQLCIDLGWKPRYGRFDVLPLVLQADGQDPEVFEIP
PDLVLEVTMEHPKYEWFQELGLKWYALPAVANMLLEVGGLEFPACPFNGWYMGTEIGVRDFCDTQRYNILEEVGRRMGLE
THTLASLWKDRAVTEINVAVLHSFQKQNVTIMDHHTASESFMKHMQNEYRARGGCPADWIWLVPPVSGSITPVFHQEMLN
YVLSPFYYYQIEPWKTHIW
;
_entity_poly.pdbx_strand_id   A,B
#
loop_
_chem_comp.id
_chem_comp.type
_chem_comp.name
_chem_comp.formula
ARR non-polymer N-(4-{2-[(3-CHLOROBENZYL)AMINO]ETHYL}PHENYL)THIOPHENE-2-CARBOXIMIDAMIDE 'C20 H20 Cl N3 S'
H4B non-polymer 5,6,7,8-TETRAHYDROBIOPTERIN 'C9 H15 N5 O3'
HEM non-polymer 'PROTOPORPHYRIN IX CONTAINING FE' 'C34 H32 Fe N4 O4'
ZN non-polymer 'ZINC ION' 'Zn 2'
#
# COMPACT_ATOMS: atom_id res chain seq x y z
N GLN A 1 -27.16 48.14 14.54
CA GLN A 1 -26.40 48.31 15.81
C GLN A 1 -25.99 46.94 16.37
N TYR A 2 -26.18 46.71 17.66
CA TYR A 2 -25.83 45.44 18.29
C TYR A 2 -26.88 44.33 18.15
N VAL A 3 -26.53 43.11 18.57
CA VAL A 3 -27.48 41.98 18.56
C VAL A 3 -27.68 41.55 20.01
N ARG A 4 -28.92 41.67 20.50
CA ARG A 4 -29.24 41.33 21.87
C ARG A 4 -29.06 39.83 22.08
N ILE A 5 -28.39 39.47 23.17
CA ILE A 5 -28.11 38.08 23.50
C ILE A 5 -28.35 37.84 25.00
N LYS A 6 -29.11 36.80 25.35
CA LYS A 6 -29.40 36.56 26.77
C LYS A 6 -29.08 35.20 27.33
N ASN A 7 -28.77 35.19 28.62
CA ASN A 7 -28.50 33.96 29.35
C ASN A 7 -29.80 33.70 30.11
N TRP A 8 -30.44 32.56 29.86
CA TRP A 8 -31.71 32.24 30.51
C TRP A 8 -31.63 31.81 31.95
N GLY A 9 -30.43 31.40 32.39
CA GLY A 9 -30.28 30.98 33.77
C GLY A 9 -30.05 32.15 34.70
N SER A 10 -29.44 33.21 34.20
CA SER A 10 -29.14 34.39 35.00
C SER A 10 -29.94 35.60 34.54
N GLY A 11 -30.58 35.46 33.38
CA GLY A 11 -31.38 36.55 32.83
C GLY A 11 -30.56 37.70 32.29
N GLU A 12 -29.27 37.70 32.63
CA GLU A 12 -28.38 38.75 32.15
C GLU A 12 -28.37 38.80 30.62
N ILE A 13 -28.56 39.99 30.09
CA ILE A 13 -28.57 40.22 28.65
C ILE A 13 -27.29 40.93 28.19
N LEU A 14 -26.89 40.70 26.94
CA LEU A 14 -25.69 41.29 26.35
C LEU A 14 -26.00 41.81 24.94
N HIS A 15 -25.10 42.61 24.41
CA HIS A 15 -25.27 43.18 23.06
C HIS A 15 -24.02 42.84 22.25
N ASP A 16 -24.18 42.05 21.19
CA ASP A 16 -23.01 41.69 20.40
C ASP A 16 -22.83 42.63 19.21
N THR A 17 -21.72 43.35 19.25
CA THR A 17 -21.40 44.33 18.21
C THR A 17 -20.23 43.81 17.38
N LEU A 18 -19.33 43.09 18.03
CA LEU A 18 -18.16 42.57 17.35
C LEU A 18 -18.42 41.82 16.05
N HIS A 19 -19.56 41.17 15.93
CA HIS A 19 -19.84 40.40 14.73
C HIS A 19 -19.74 41.24 13.49
N HIS A 20 -19.97 42.54 13.65
CA HIS A 20 -19.92 43.47 12.55
C HIS A 20 -18.63 43.38 11.76
N LYS A 21 -17.58 42.89 12.42
CA LYS A 21 -16.28 42.78 11.78
C LYS A 21 -16.02 41.40 11.17
N ALA A 22 -17.08 40.63 10.95
CA ALA A 22 -16.92 39.30 10.37
C ALA A 22 -16.50 39.41 8.90
N THR A 23 -15.65 38.47 8.49
CA THR A 23 -15.12 38.40 7.12
C THR A 23 -16.20 38.12 6.08
N SER A 24 -16.31 36.86 5.67
CA SER A 24 -17.27 36.45 4.67
C SER A 24 -18.52 35.80 5.24
N ASP A 25 -19.31 35.22 4.35
CA ASP A 25 -20.52 34.55 4.73
C ASP A 25 -20.11 33.33 5.51
N PHE A 26 -20.86 33.04 6.57
CA PHE A 26 -20.60 31.88 7.41
C PHE A 26 -21.33 30.68 6.78
N THR A 27 -21.56 29.63 7.58
CA THR A 27 -22.21 28.39 7.13
C THR A 27 -23.72 28.49 6.84
N CYS A 28 -24.36 29.52 7.41
CA CYS A 28 -25.79 29.67 7.27
C CYS A 28 -26.36 30.59 6.21
N LYS A 29 -27.45 30.09 5.64
CA LYS A 29 -28.24 30.72 4.60
C LYS A 29 -29.32 31.61 5.23
N SER A 30 -29.77 32.62 4.47
CA SER A 30 -30.79 33.55 4.95
C SER A 30 -32.04 32.79 5.45
N LYS A 31 -32.45 31.75 4.71
CA LYS A 31 -33.64 30.96 5.03
C LYS A 31 -33.41 29.54 5.58
N SER A 32 -32.16 29.16 5.81
CA SER A 32 -31.84 27.83 6.37
C SER A 32 -30.61 27.91 7.29
N CYS A 33 -30.61 27.13 8.37
CA CYS A 33 -29.50 27.10 9.33
C CYS A 33 -28.69 25.80 9.35
N LEU A 34 -27.42 25.89 8.98
CA LEU A 34 -26.53 24.73 8.94
C LEU A 34 -25.48 24.82 10.05
N GLY A 35 -25.92 25.28 11.22
CA GLY A 35 -25.02 25.43 12.37
C GLY A 35 -24.47 24.14 12.94
N SER A 36 -25.07 23.00 12.58
CA SER A 36 -24.60 21.72 13.10
C SER A 36 -23.66 21.02 12.14
N ILE A 37 -23.33 21.68 11.03
CA ILE A 37 -22.41 21.08 10.05
C ILE A 37 -21.02 21.24 10.64
N MET A 38 -20.33 20.11 10.79
CA MET A 38 -18.99 20.08 11.35
C MET A 38 -17.89 20.75 10.55
N ASN A 39 -17.65 20.23 9.36
CA ASN A 39 -16.59 20.73 8.52
C ASN A 39 -17.11 21.56 7.36
N PRO A 40 -17.67 22.75 7.63
CA PRO A 40 -18.20 23.62 6.57
C PRO A 40 -17.08 24.34 5.82
N LYS A 41 -17.32 24.67 4.56
CA LYS A 41 -16.33 25.37 3.78
C LYS A 41 -16.07 26.76 4.36
N SER A 42 -17.03 27.28 5.12
CA SER A 42 -16.86 28.60 5.70
C SER A 42 -15.78 28.55 6.77
N LEU A 43 -15.49 27.35 7.25
CA LEU A 43 -14.50 27.20 8.30
C LEU A 43 -13.21 26.56 7.79
N THR A 44 -13.10 26.40 6.47
CA THR A 44 -11.92 25.78 5.86
C THR A 44 -11.15 26.69 4.89
N ARG A 45 -9.84 26.50 4.84
CA ARG A 45 -8.97 27.28 3.95
C ARG A 45 -8.03 26.30 3.24
N GLY A 46 -8.40 25.92 2.02
CA GLY A 46 -7.62 24.95 1.27
C GLY A 46 -6.38 25.36 0.51
N PRO A 47 -5.88 24.45 -0.35
CA PRO A 47 -4.70 24.62 -1.19
C PRO A 47 -4.69 25.89 -2.02
N ARG A 48 -3.56 26.58 -2.00
CA ARG A 48 -3.37 27.79 -2.77
C ARG A 48 -2.52 27.27 -3.97
N ASP A 49 -2.45 28.04 -5.05
CA ASP A 49 -1.72 27.60 -6.24
C ASP A 49 -0.70 28.60 -6.77
N LYS A 50 -0.93 29.86 -6.49
CA LYS A 50 -0.05 30.92 -6.93
C LYS A 50 0.04 31.87 -5.76
N PRO A 51 0.84 32.93 -5.89
CA PRO A 51 0.92 33.85 -4.75
C PRO A 51 -0.47 34.47 -4.59
N THR A 52 -0.76 35.12 -3.48
CA THR A 52 -2.07 35.72 -3.33
C THR A 52 -1.94 37.14 -3.87
N PRO A 53 -2.90 37.57 -4.70
CA PRO A 53 -2.96 38.89 -5.31
C PRO A 53 -2.57 40.04 -4.40
N LEU A 54 -1.60 40.85 -4.83
CA LEU A 54 -1.17 41.99 -4.03
C LEU A 54 -2.35 42.90 -3.73
N GLU A 55 -3.30 42.98 -4.66
CA GLU A 55 -4.46 43.83 -4.46
C GLU A 55 -5.15 43.48 -3.16
N GLU A 56 -5.29 42.17 -2.89
CA GLU A 56 -5.96 41.75 -1.66
C GLU A 56 -5.06 41.48 -0.45
N LEU A 57 -3.77 41.30 -0.70
CA LEU A 57 -2.84 41.07 0.37
C LEU A 57 -2.60 42.37 1.15
N LEU A 58 -2.33 43.45 0.43
CA LEU A 58 -2.07 44.74 1.06
C LEU A 58 -3.20 45.23 1.96
N PRO A 59 -4.45 45.08 1.52
CA PRO A 59 -5.59 45.53 2.32
C PRO A 59 -5.60 44.77 3.64
N HIS A 60 -5.52 43.45 3.56
CA HIS A 60 -5.53 42.62 4.76
C HIS A 60 -4.36 42.97 5.67
N ALA A 61 -3.18 43.13 5.07
CA ALA A 61 -1.97 43.46 5.82
C ALA A 61 -2.14 44.71 6.68
N ILE A 62 -2.61 45.81 6.07
CA ILE A 62 -2.84 47.07 6.76
C ILE A 62 -3.82 46.84 7.90
N GLU A 63 -4.82 46.00 7.63
CA GLU A 63 -5.85 45.66 8.60
C GLU A 63 -5.26 45.15 9.89
N PHE A 64 -4.46 44.10 9.76
CA PHE A 64 -3.78 43.47 10.90
C PHE A 64 -2.87 44.43 11.63
N ILE A 65 -1.93 45.00 10.89
CA ILE A 65 -0.99 45.97 11.43
C ILE A 65 -1.73 46.97 12.33
N ASN A 66 -2.79 47.56 11.78
CA ASN A 66 -3.58 48.51 12.53
C ASN A 66 -4.14 47.87 13.78
N GLN A 67 -4.61 46.64 13.64
CA GLN A 67 -5.19 45.89 14.76
C GLN A 67 -4.17 45.63 15.86
N TYR A 68 -2.95 45.29 15.42
CA TYR A 68 -1.85 45.00 16.32
C TYR A 68 -1.51 46.21 17.16
N TYR A 69 -1.15 47.30 16.49
CA TYR A 69 -0.79 48.51 17.20
C TYR A 69 -1.97 49.00 18.04
N GLY A 70 -3.17 48.61 17.64
CA GLY A 70 -4.35 48.99 18.38
C GLY A 70 -4.44 48.23 19.70
N SER A 71 -3.79 47.07 19.74
CA SER A 71 -3.79 46.24 20.95
C SER A 71 -3.10 46.97 22.09
N PHE A 72 -2.16 47.84 21.73
CA PHE A 72 -1.36 48.60 22.68
C PHE A 72 -2.07 49.55 23.63
N LYS A 73 -1.59 49.59 24.87
CA LYS A 73 -2.15 50.52 25.85
C LYS A 73 -1.28 51.72 25.53
N GLU A 74 -1.92 52.86 25.24
CA GLU A 74 -1.22 54.09 24.82
C GLU A 74 -0.29 53.75 23.62
N ALA A 75 -0.83 54.01 22.43
CA ALA A 75 -0.18 53.73 21.16
C ALA A 75 1.14 54.42 20.84
N LYS A 76 1.74 53.94 19.76
CA LYS A 76 3.01 54.44 19.25
C LYS A 76 2.79 54.90 17.80
N ILE A 77 2.05 56.00 17.64
CA ILE A 77 1.70 56.55 16.32
C ILE A 77 2.87 56.46 15.35
N GLU A 78 4.04 56.90 15.84
CA GLU A 78 5.26 56.87 15.06
C GLU A 78 5.49 55.46 14.58
N GLU A 79 5.71 54.56 15.54
CA GLU A 79 5.95 53.17 15.23
C GLU A 79 4.87 52.62 14.31
N HIS A 80 3.61 52.87 14.65
CA HIS A 80 2.52 52.37 13.84
C HIS A 80 2.64 52.75 12.36
N LEU A 81 2.85 54.04 12.08
CA LEU A 81 2.97 54.53 10.71
C LEU A 81 4.22 53.97 10.04
N ALA A 82 5.29 53.86 10.83
CA ALA A 82 6.55 53.34 10.36
C ALA A 82 6.41 51.92 9.81
N ARG A 83 5.82 51.04 10.60
CA ARG A 83 5.61 49.66 10.17
C ARG A 83 4.64 49.60 8.99
N LEU A 84 3.62 50.47 9.02
CA LEU A 84 2.62 50.54 7.96
C LEU A 84 3.32 50.80 6.64
N GLU A 85 4.27 51.72 6.66
CA GLU A 85 5.04 52.05 5.47
C GLU A 85 6.00 50.90 5.17
N ALA A 86 6.70 50.47 6.22
CA ALA A 86 7.67 49.40 6.11
C ALA A 86 7.13 48.11 5.48
N VAL A 87 5.89 47.76 5.81
CA VAL A 87 5.26 46.54 5.28
C VAL A 87 4.85 46.69 3.83
N THR A 88 4.33 47.87 3.47
CA THR A 88 3.89 48.11 2.11
C THR A 88 5.06 47.97 1.12
N LYS A 89 6.19 48.55 1.50
CA LYS A 89 7.40 48.48 0.68
C LYS A 89 7.69 47.01 0.40
N GLU A 90 7.88 46.27 1.49
CA GLU A 90 8.19 44.85 1.45
C GLU A 90 7.26 44.08 0.51
N ILE A 91 5.97 44.35 0.62
CA ILE A 91 4.99 43.68 -0.21
C ILE A 91 5.24 44.10 -1.64
N GLU A 92 5.36 45.40 -1.85
CA GLU A 92 5.62 45.95 -3.17
C GLU A 92 6.87 45.31 -3.76
N THR A 93 7.95 45.37 -2.99
CA THR A 93 9.24 44.84 -3.42
C THR A 93 9.39 43.32 -3.47
N THR A 94 8.91 42.61 -2.45
CA THR A 94 9.07 41.16 -2.40
C THR A 94 7.88 40.31 -2.82
N GLY A 95 6.68 40.84 -2.62
CA GLY A 95 5.48 40.12 -3.00
C GLY A 95 4.67 39.61 -1.83
N THR A 96 5.24 39.77 -0.62
CA THR A 96 4.61 39.32 0.62
C THR A 96 5.41 39.96 1.76
N TYR A 97 4.93 39.87 2.99
CA TYR A 97 5.69 40.44 4.10
C TYR A 97 5.95 39.40 5.19
N GLN A 98 6.66 39.82 6.23
CA GLN A 98 7.02 38.96 7.34
C GLN A 98 6.58 39.62 8.64
N LEU A 99 6.09 38.83 9.59
CA LEU A 99 5.64 39.41 10.85
C LEU A 99 6.76 39.49 11.86
N THR A 100 6.83 40.59 12.60
CA THR A 100 7.85 40.72 13.62
C THR A 100 7.45 39.65 14.63
N LEU A 101 8.42 38.91 15.18
CA LEU A 101 8.12 37.85 16.13
C LEU A 101 7.03 38.25 17.12
N ASP A 102 6.97 39.52 17.46
CA ASP A 102 5.98 39.98 18.41
C ASP A 102 4.59 40.01 17.81
N GLU A 103 4.51 40.43 16.55
CA GLU A 103 3.25 40.50 15.84
C GLU A 103 2.74 39.07 15.65
N LEU A 104 3.66 38.10 15.60
CA LEU A 104 3.24 36.72 15.42
C LEU A 104 2.69 36.17 16.74
N ILE A 105 3.26 36.60 17.86
CA ILE A 105 2.76 36.13 19.16
C ILE A 105 1.35 36.65 19.33
N PHE A 106 1.14 37.89 18.91
CA PHE A 106 -0.16 38.55 18.98
C PHE A 106 -1.12 37.82 18.04
N ALA A 107 -0.62 37.45 16.87
CA ALA A 107 -1.44 36.77 15.90
C ALA A 107 -1.90 35.41 16.39
N THR A 108 -1.04 34.70 17.13
CA THR A 108 -1.39 33.37 17.61
C THR A 108 -2.37 33.36 18.76
N LYS A 109 -2.34 34.40 19.58
CA LYS A 109 -3.26 34.47 20.69
C LYS A 109 -4.63 34.99 20.26
N MET A 110 -4.63 35.88 19.27
CA MET A 110 -5.89 36.41 18.75
C MET A 110 -6.61 35.31 17.98
N ALA A 111 -5.89 34.57 17.16
CA ALA A 111 -6.50 33.51 16.38
C ALA A 111 -7.17 32.50 17.32
N TRP A 112 -6.56 32.34 18.49
CA TRP A 112 -7.06 31.43 19.50
C TRP A 112 -8.29 32.08 20.10
N ARG A 113 -8.13 33.31 20.56
CA ARG A 113 -9.20 34.08 21.16
C ARG A 113 -10.43 34.15 20.28
N ASN A 114 -10.22 33.99 18.96
CA ASN A 114 -11.30 34.05 17.96
C ASN A 114 -11.83 32.68 17.53
N ALA A 115 -11.33 31.61 18.15
CA ALA A 115 -11.76 30.24 17.85
C ALA A 115 -13.10 29.99 18.53
N PRO A 116 -14.19 30.04 17.76
CA PRO A 116 -15.53 29.83 18.30
C PRO A 116 -15.77 28.50 19.01
N ARG A 117 -15.05 27.45 18.63
CA ARG A 117 -15.24 26.15 19.23
C ARG A 117 -14.35 25.79 20.42
N CYS A 118 -13.62 26.78 20.95
CA CYS A 118 -12.74 26.55 22.09
C CYS A 118 -13.33 27.00 23.41
N ILE A 119 -13.32 26.10 24.38
CA ILE A 119 -13.88 26.37 25.70
C ILE A 119 -12.83 26.83 26.71
N GLY A 120 -11.57 26.79 26.33
CA GLY A 120 -10.54 27.21 27.26
C GLY A 120 -9.93 28.57 26.94
N ARG A 121 -10.59 29.33 26.09
CA ARG A 121 -10.09 30.63 25.69
C ARG A 121 -9.83 31.61 26.79
N ILE A 122 -10.16 31.27 28.02
CA ILE A 122 -9.89 32.22 29.11
C ILE A 122 -8.36 32.32 29.26
N GLN A 123 -7.69 31.27 28.81
CA GLN A 123 -6.24 31.14 28.84
C GLN A 123 -5.55 31.74 27.61
N TRP A 124 -6.36 32.24 26.67
CA TRP A 124 -5.87 32.80 25.41
C TRP A 124 -4.58 33.61 25.41
N SER A 125 -4.31 34.35 26.47
CA SER A 125 -3.08 35.15 26.48
C SER A 125 -1.85 34.39 26.99
N ASN A 126 -2.04 33.16 27.44
CA ASN A 126 -0.92 32.36 27.92
C ASN A 126 -0.59 31.36 26.85
N LEU A 127 0.21 31.79 25.90
CA LEU A 127 0.60 30.92 24.81
C LEU A 127 2.08 31.04 24.53
N GLN A 128 2.77 29.92 24.53
CA GLN A 128 4.19 29.89 24.25
C GLN A 128 4.36 29.77 22.74
N VAL A 129 5.05 30.74 22.14
CA VAL A 129 5.26 30.73 20.69
C VAL A 129 6.66 30.31 20.27
N PHE A 130 6.76 29.24 19.50
CA PHE A 130 8.05 28.78 19.05
C PHE A 130 8.23 29.09 17.55
N ASP A 131 8.95 30.17 17.29
CA ASP A 131 9.23 30.64 15.94
C ASP A 131 10.14 29.71 15.14
N ALA A 132 9.57 28.92 14.25
CA ALA A 132 10.36 28.01 13.43
C ALA A 132 10.19 28.36 11.96
N ARG A 133 9.87 29.63 11.70
CA ARG A 133 9.67 30.12 10.35
C ARG A 133 10.88 29.94 9.42
N ASN A 134 12.06 29.96 10.01
CA ASN A 134 13.33 29.82 9.30
C ASN A 134 13.57 28.36 8.89
N CYS A 135 12.72 27.47 9.36
CA CYS A 135 12.82 26.04 9.08
C CYS A 135 12.90 25.75 7.58
N SER A 136 13.49 24.62 7.21
CA SER A 136 13.64 24.25 5.80
C SER A 136 13.65 22.75 5.44
N THR A 137 13.69 21.86 6.44
CA THR A 137 13.69 20.42 6.18
C THR A 137 12.85 19.59 7.16
N ALA A 138 12.47 18.39 6.72
CA ALA A 138 11.68 17.51 7.56
C ALA A 138 12.46 17.26 8.84
N GLN A 139 13.76 17.00 8.69
CA GLN A 139 14.61 16.76 9.84
C GLN A 139 14.49 17.93 10.81
N GLU A 140 14.43 19.14 10.26
CA GLU A 140 14.31 20.31 11.11
C GLU A 140 12.92 20.42 11.71
N MET A 141 11.89 20.07 10.94
CA MET A 141 10.53 20.13 11.47
C MET A 141 10.46 19.19 12.68
N PHE A 142 10.93 17.96 12.47
CA PHE A 142 10.94 16.91 13.48
C PHE A 142 11.61 17.36 14.77
N GLN A 143 12.68 18.13 14.64
CA GLN A 143 13.39 18.61 15.81
C GLN A 143 12.53 19.63 16.54
N HIS A 144 12.00 20.58 15.80
CA HIS A 144 11.15 21.60 16.38
C HIS A 144 9.98 20.95 17.12
N ILE A 145 9.35 19.97 16.48
CA ILE A 145 8.23 19.30 17.10
C ILE A 145 8.63 18.57 18.36
N CYS A 146 9.80 17.96 18.39
CA CYS A 146 10.26 17.26 19.58
C CYS A 146 10.47 18.27 20.70
N ARG A 147 10.98 19.45 20.34
CA ARG A 147 11.23 20.51 21.31
C ARG A 147 9.93 20.92 21.96
N HIS A 148 8.90 20.99 21.14
CA HIS A 148 7.57 21.40 21.56
C HIS A 148 6.92 20.36 22.45
N ILE A 149 6.93 19.11 22.01
CA ILE A 149 6.33 18.05 22.79
C ILE A 149 6.97 17.96 24.18
N LEU A 150 8.29 18.19 24.24
CA LEU A 150 9.03 18.13 25.50
C LEU A 150 8.67 19.32 26.38
N TYR A 151 8.62 20.50 25.77
CA TYR A 151 8.29 21.73 26.50
C TYR A 151 6.86 21.71 26.98
N ALA A 152 5.96 21.41 26.06
CA ALA A 152 4.55 21.34 26.36
C ALA A 152 4.25 20.28 27.44
N THR A 153 4.80 19.08 27.31
CA THR A 153 4.54 18.01 28.27
C THR A 153 4.99 18.33 29.69
N ASN A 154 6.05 19.13 29.80
CA ASN A 154 6.59 19.57 31.08
C ASN A 154 6.50 18.53 32.20
N ASN A 155 7.01 17.33 31.92
CA ASN A 155 7.00 16.27 32.91
C ASN A 155 5.59 16.11 33.52
N GLY A 156 4.57 16.49 32.77
CA GLY A 156 3.20 16.37 33.26
C GLY A 156 2.52 17.71 33.54
N ASN A 157 3.27 18.71 33.99
CA ASN A 157 2.66 19.99 34.25
C ASN A 157 2.49 20.70 32.92
N ILE A 158 1.46 20.32 32.19
CA ILE A 158 1.17 20.87 30.87
C ILE A 158 1.31 22.38 30.72
N ARG A 159 1.87 22.79 29.58
CA ARG A 159 2.08 24.19 29.21
C ARG A 159 1.55 24.40 27.78
N SER A 160 0.84 25.51 27.56
CA SER A 160 0.29 25.77 26.24
C SER A 160 1.36 26.35 25.34
N ALA A 161 1.49 25.79 24.14
CA ALA A 161 2.50 26.28 23.20
C ALA A 161 2.09 26.00 21.75
N ILE A 162 2.73 26.71 20.83
CA ILE A 162 2.46 26.59 19.40
C ILE A 162 3.76 26.79 18.64
N THR A 163 4.03 25.97 17.63
CA THR A 163 5.25 26.10 16.83
C THR A 163 4.85 26.63 15.47
N VAL A 164 5.30 27.83 15.12
CA VAL A 164 4.95 28.43 13.84
C VAL A 164 5.92 28.18 12.70
N PHE A 165 5.65 27.15 11.91
CA PHE A 165 6.52 26.82 10.77
C PHE A 165 6.26 27.82 9.64
N PRO A 166 7.20 27.92 8.67
CA PRO A 166 7.12 28.83 7.53
C PRO A 166 5.70 29.13 6.99
N GLN A 167 5.48 30.38 6.62
CA GLN A 167 4.19 30.79 6.07
C GLN A 167 4.12 30.23 4.66
N ARG A 168 2.93 30.24 4.07
CA ARG A 168 2.78 29.74 2.69
C ARG A 168 3.31 30.81 1.77
N SER A 169 3.59 30.45 0.52
CA SER A 169 4.14 31.41 -0.43
C SER A 169 3.42 31.40 -1.76
N ASP A 170 3.86 30.51 -2.64
CA ASP A 170 3.25 30.37 -3.95
C ASP A 170 2.27 29.22 -3.81
N GLY A 171 2.28 28.60 -2.62
CA GLY A 171 1.40 27.48 -2.35
C GLY A 171 1.93 26.19 -2.95
N LYS A 172 3.06 26.29 -3.63
CA LYS A 172 3.66 25.12 -4.25
C LYS A 172 4.73 24.51 -3.36
N HIS A 173 5.12 25.26 -2.32
CA HIS A 173 6.16 24.81 -1.37
C HIS A 173 5.70 24.89 0.07
N ASP A 174 4.48 24.43 0.32
CA ASP A 174 3.86 24.45 1.65
C ASP A 174 4.47 23.50 2.68
N PHE A 175 4.44 23.93 3.94
CA PHE A 175 4.91 23.10 5.04
C PHE A 175 3.64 22.49 5.65
N ARG A 176 3.60 21.18 5.79
CA ARG A 176 2.41 20.52 6.33
C ARG A 176 2.76 19.36 7.26
N LEU A 177 1.92 19.15 8.26
CA LEU A 177 2.06 18.01 9.17
C LEU A 177 0.86 17.19 8.74
N TRP A 178 1.10 16.08 8.05
CA TRP A 178 0.01 15.23 7.58
C TRP A 178 -0.81 14.61 8.72
N ASN A 179 -0.28 14.69 9.93
CA ASN A 179 -0.97 14.17 11.10
C ASN A 179 -2.12 15.11 11.42
N SER A 180 -2.92 14.76 12.42
CA SER A 180 -4.05 15.58 12.84
C SER A 180 -3.86 15.98 14.29
N GLN A 181 -2.92 15.30 14.93
CA GLN A 181 -2.61 15.51 16.34
C GLN A 181 -1.16 14.98 16.50
N LEU A 182 -0.27 15.79 17.07
CA LEU A 182 1.12 15.35 17.26
C LEU A 182 1.18 13.90 17.75
N ILE A 183 0.56 13.63 18.90
CA ILE A 183 0.52 12.27 19.43
C ILE A 183 -0.90 11.77 19.25
N ARG A 184 -1.04 10.52 18.82
CA ARG A 184 -2.36 9.92 18.62
C ARG A 184 -2.15 8.42 18.42
N TYR A 185 -3.19 7.62 18.58
CA TYR A 185 -3.06 6.18 18.40
C TYR A 185 -3.41 5.72 16.99
N ALA A 186 -3.03 4.49 16.68
CA ALA A 186 -3.28 3.93 15.36
C ALA A 186 -4.56 3.11 15.29
N GLY A 187 -5.17 3.12 14.11
CA GLY A 187 -6.38 2.37 13.89
C GLY A 187 -6.12 1.36 12.79
N TYR A 188 -6.13 0.08 13.16
CA TYR A 188 -5.90 -1.01 12.21
C TYR A 188 -7.25 -1.70 11.99
N GLN A 189 -7.40 -2.38 10.87
CA GLN A 189 -8.63 -3.08 10.59
C GLN A 189 -8.37 -4.56 10.37
N MET A 190 -8.29 -5.31 11.47
CA MET A 190 -8.05 -6.75 11.41
C MET A 190 -8.80 -7.45 10.27
N PRO A 191 -8.13 -8.40 9.60
CA PRO A 191 -8.73 -9.14 8.47
C PRO A 191 -10.22 -9.47 8.68
N ASP A 192 -10.53 -10.06 9.84
CA ASP A 192 -11.89 -10.46 10.20
C ASP A 192 -12.88 -9.30 10.36
N GLY A 193 -12.71 -8.25 9.55
CA GLY A 193 -13.60 -7.10 9.63
C GLY A 193 -13.34 -6.15 10.81
N THR A 194 -12.88 -6.73 11.91
CA THR A 194 -12.57 -5.99 13.13
C THR A 194 -11.73 -4.75 12.92
N ILE A 195 -11.87 -3.80 13.82
CA ILE A 195 -11.07 -2.59 13.80
C ILE A 195 -10.45 -2.55 15.17
N ARG A 196 -9.12 -2.46 15.21
CA ARG A 196 -8.41 -2.47 16.47
C ARG A 196 -7.47 -1.29 16.63
N GLY A 197 -7.60 -0.59 17.76
CA GLY A 197 -6.79 0.60 18.01
C GLY A 197 -7.75 1.77 18.07
N ASP A 198 -7.58 2.76 17.20
CA ASP A 198 -8.47 3.92 17.19
C ASP A 198 -9.10 4.11 15.80
N ALA A 199 -10.33 3.63 15.65
CA ALA A 199 -11.03 3.72 14.36
C ALA A 199 -10.91 5.05 13.64
N ALA A 200 -10.80 6.14 14.39
CA ALA A 200 -10.71 7.47 13.81
C ALA A 200 -9.47 7.72 12.96
N THR A 201 -8.45 6.88 13.13
CA THR A 201 -7.22 7.06 12.37
C THR A 201 -6.98 5.92 11.38
N LEU A 202 -8.02 5.13 11.10
CA LEU A 202 -7.89 4.01 10.17
C LEU A 202 -7.23 4.41 8.86
N GLU A 203 -7.75 5.50 8.28
CA GLU A 203 -7.25 6.00 7.01
C GLU A 203 -5.82 6.53 7.11
N PHE A 204 -5.57 7.43 8.06
CA PHE A 204 -4.23 7.96 8.22
C PHE A 204 -3.27 6.83 8.52
N THR A 205 -3.67 5.94 9.42
CA THR A 205 -2.82 4.82 9.77
C THR A 205 -2.36 4.16 8.49
N GLN A 206 -3.31 3.76 7.65
CA GLN A 206 -2.98 3.11 6.39
C GLN A 206 -1.84 3.84 5.68
N LEU A 207 -2.06 5.12 5.35
CA LEU A 207 -1.07 5.95 4.67
C LEU A 207 0.31 5.74 5.28
N CYS A 208 0.40 5.89 6.60
CA CYS A 208 1.67 5.69 7.30
C CYS A 208 2.30 4.38 6.87
N ILE A 209 1.56 3.29 7.04
CA ILE A 209 2.06 1.98 6.64
C ILE A 209 2.49 2.06 5.19
N ASP A 210 1.67 2.72 4.37
CA ASP A 210 1.98 2.87 2.95
C ASP A 210 3.28 3.65 2.79
N LEU A 211 3.67 4.42 3.80
CA LEU A 211 4.90 5.18 3.72
C LEU A 211 6.07 4.51 4.44
N GLY A 212 5.98 3.20 4.63
CA GLY A 212 7.07 2.50 5.27
C GLY A 212 6.89 2.16 6.72
N TRP A 213 6.06 2.91 7.43
CA TRP A 213 5.84 2.63 8.84
C TRP A 213 5.46 1.17 9.06
N LYS A 214 5.94 0.59 10.16
CA LYS A 214 5.65 -0.80 10.51
C LYS A 214 4.50 -0.94 11.52
N PRO A 215 3.33 -1.41 11.05
CA PRO A 215 2.12 -1.59 11.87
C PRO A 215 2.30 -2.58 13.02
N ARG A 216 2.27 -2.07 14.24
CA ARG A 216 2.43 -2.91 15.41
C ARG A 216 1.07 -3.46 15.93
N TYR A 217 0.02 -3.35 15.12
CA TYR A 217 -1.34 -3.82 15.44
C TYR A 217 -1.79 -3.91 16.90
N GLY A 218 -2.08 -2.78 17.54
CA GLY A 218 -2.51 -2.79 18.94
C GLY A 218 -3.27 -1.54 19.35
N ARG A 219 -4.26 -1.70 20.23
CA ARG A 219 -5.09 -0.58 20.69
C ARG A 219 -4.40 0.76 21.01
N PHE A 220 -3.10 0.77 21.28
CA PHE A 220 -2.47 2.03 21.61
C PHE A 220 -1.11 2.32 20.96
N ASP A 221 -0.93 1.91 19.70
CA ASP A 221 0.34 2.18 19.02
C ASP A 221 0.43 3.62 18.56
N VAL A 222 1.25 4.43 19.21
CA VAL A 222 1.42 5.83 18.82
C VAL A 222 1.94 5.93 17.38
N LEU A 223 1.22 6.67 16.54
CA LEU A 223 1.58 6.85 15.13
C LEU A 223 2.82 7.72 14.96
N PRO A 224 3.54 7.58 13.84
CA PRO A 224 4.74 8.39 13.61
C PRO A 224 4.32 9.70 13.01
N LEU A 225 5.19 10.69 13.05
CA LEU A 225 4.86 11.98 12.45
C LEU A 225 4.98 11.75 10.94
N VAL A 226 4.39 12.64 10.15
CA VAL A 226 4.49 12.56 8.71
C VAL A 226 4.69 13.99 8.30
N LEU A 227 5.95 14.40 8.25
CA LEU A 227 6.32 15.76 7.93
C LEU A 227 6.59 16.07 6.47
N GLN A 228 6.18 17.27 6.05
CA GLN A 228 6.36 17.76 4.70
C GLN A 228 6.95 19.15 4.74
N ALA A 229 8.19 19.31 4.28
CA ALA A 229 8.86 20.61 4.26
C ALA A 229 8.99 21.20 2.86
N ASP A 230 8.94 22.52 2.79
CA ASP A 230 9.04 23.24 1.53
C ASP A 230 8.26 22.61 0.36
N GLY A 231 7.14 21.98 0.68
CA GLY A 231 6.30 21.38 -0.35
C GLY A 231 6.78 20.09 -0.98
N GLN A 232 7.71 19.41 -0.33
CA GLN A 232 8.22 18.16 -0.87
C GLN A 232 7.38 17.03 -0.37
N ASP A 233 7.66 15.82 -0.81
CA ASP A 233 6.88 14.70 -0.34
C ASP A 233 7.14 14.61 1.17
N PRO A 234 6.33 13.83 1.88
CA PRO A 234 6.48 13.68 3.32
C PRO A 234 7.50 12.64 3.73
N GLU A 235 7.99 12.75 4.95
CA GLU A 235 8.95 11.80 5.50
C GLU A 235 8.43 11.39 6.87
N VAL A 236 8.53 10.10 7.15
CA VAL A 236 8.05 9.53 8.40
C VAL A 236 9.08 9.57 9.54
N PHE A 237 8.71 10.15 10.68
CA PHE A 237 9.60 10.23 11.85
C PHE A 237 8.96 9.69 13.11
N GLU A 238 9.60 8.69 13.71
CA GLU A 238 9.11 8.09 14.94
C GLU A 238 9.40 9.08 16.08
N ILE A 239 8.45 9.26 16.98
CA ILE A 239 8.65 10.17 18.09
C ILE A 239 9.38 9.42 19.19
N PRO A 240 10.34 10.06 19.86
CA PRO A 240 11.07 9.41 20.94
C PRO A 240 10.12 9.03 22.07
N PRO A 241 9.90 7.72 22.27
CA PRO A 241 9.00 7.19 23.31
C PRO A 241 9.18 7.86 24.64
N ASP A 242 10.34 8.48 24.85
CA ASP A 242 10.63 9.14 26.12
C ASP A 242 9.92 10.48 26.20
N LEU A 243 9.46 10.96 25.05
CA LEU A 243 8.78 12.25 24.95
C LEU A 243 7.27 12.16 25.09
N VAL A 244 6.71 10.99 24.77
CA VAL A 244 5.28 10.76 24.88
C VAL A 244 4.88 10.33 26.28
N LEU A 245 4.08 11.16 26.95
CA LEU A 245 3.63 10.90 28.32
C LEU A 245 2.21 10.31 28.28
N GLU A 246 2.02 9.14 28.89
CA GLU A 246 0.70 8.54 28.90
C GLU A 246 0.15 8.28 30.30
N VAL A 247 -1.18 8.35 30.39
CA VAL A 247 -1.85 8.14 31.66
C VAL A 247 -2.59 6.81 31.60
N THR A 248 -2.32 5.94 32.58
CA THR A 248 -3.00 4.66 32.64
C THR A 248 -4.24 4.93 33.45
N MET A 249 -5.38 4.58 32.86
CA MET A 249 -6.67 4.80 33.50
C MET A 249 -7.03 3.75 34.54
N GLU A 250 -7.43 4.24 35.71
CA GLU A 250 -7.83 3.39 36.82
C GLU A 250 -8.89 4.11 37.65
N HIS A 251 -9.88 3.37 38.11
CA HIS A 251 -10.97 3.94 38.89
C HIS A 251 -10.70 4.00 40.41
N PRO A 252 -10.83 5.20 41.02
CA PRO A 252 -10.61 5.43 42.44
C PRO A 252 -11.49 4.56 43.33
N LYS A 253 -12.25 3.67 42.72
CA LYS A 253 -13.12 2.79 43.48
C LYS A 253 -13.20 1.42 42.85
N TYR A 254 -13.47 1.36 41.55
CA TYR A 254 -13.58 0.07 40.88
C TYR A 254 -12.20 -0.43 40.44
N GLU A 255 -11.64 -1.37 41.20
CA GLU A 255 -10.33 -1.87 40.86
C GLU A 255 -10.41 -2.80 39.66
N TRP A 256 -11.62 -3.16 39.28
CA TRP A 256 -11.77 -4.02 38.12
C TRP A 256 -11.41 -3.17 36.91
N PHE A 257 -11.36 -1.86 37.13
CA PHE A 257 -11.08 -0.92 36.05
C PHE A 257 -9.80 -1.17 35.29
N GLN A 258 -8.67 -1.22 36.02
CA GLN A 258 -7.37 -1.43 35.38
C GLN A 258 -7.46 -2.50 34.29
N GLU A 259 -8.15 -3.61 34.59
CA GLU A 259 -8.29 -4.71 33.63
C GLU A 259 -8.79 -4.32 32.25
N LEU A 260 -9.42 -3.14 32.14
CA LEU A 260 -9.92 -2.65 30.86
C LEU A 260 -8.74 -2.33 29.95
N GLY A 261 -7.57 -2.14 30.56
CA GLY A 261 -6.37 -1.84 29.82
C GLY A 261 -6.50 -0.57 29.01
N LEU A 262 -6.72 0.55 29.70
CA LEU A 262 -6.90 1.82 29.02
C LEU A 262 -5.91 2.93 29.43
N LYS A 263 -5.22 3.48 28.43
CA LYS A 263 -4.28 4.57 28.68
C LYS A 263 -4.59 5.63 27.66
N TRP A 264 -3.93 6.78 27.76
CA TRP A 264 -4.15 7.85 26.80
C TRP A 264 -3.07 8.91 26.97
N TYR A 265 -2.48 9.36 25.87
CA TYR A 265 -1.44 10.38 25.96
C TYR A 265 -1.97 11.58 26.73
N ALA A 266 -1.07 12.33 27.36
CA ALA A 266 -1.45 13.48 28.16
C ALA A 266 -1.35 14.83 27.44
N LEU A 267 -0.94 14.83 26.18
CA LEU A 267 -0.80 16.08 25.43
C LEU A 267 -1.71 16.23 24.21
N PRO A 268 -2.66 17.17 24.27
CA PRO A 268 -3.58 17.39 23.15
C PRO A 268 -3.06 18.53 22.28
N ALA A 269 -2.55 18.18 21.11
CA ALA A 269 -2.00 19.17 20.19
C ALA A 269 -2.51 18.95 18.78
N VAL A 270 -3.17 19.97 18.22
CA VAL A 270 -3.70 19.87 16.86
C VAL A 270 -2.58 20.19 15.89
N ALA A 271 -2.36 19.32 14.92
CA ALA A 271 -1.27 19.54 13.98
C ALA A 271 -1.64 19.85 12.55
N ASN A 272 -2.94 19.81 12.23
CA ASN A 272 -3.37 20.05 10.84
C ASN A 272 -4.18 21.30 10.54
N MET A 273 -4.04 22.35 11.34
CA MET A 273 -4.82 23.56 11.06
C MET A 273 -3.97 24.71 10.53
N LEU A 274 -4.65 25.63 9.83
CA LEU A 274 -3.97 26.77 9.23
C LEU A 274 -4.24 28.07 9.94
N LEU A 275 -3.18 28.78 10.31
CA LEU A 275 -3.30 30.07 10.97
C LEU A 275 -3.37 31.15 9.89
N GLU A 276 -4.37 32.03 9.97
CA GLU A 276 -4.51 33.10 8.99
C GLU A 276 -4.37 34.46 9.68
N VAL A 277 -3.39 35.25 9.27
CA VAL A 277 -3.21 36.56 9.87
C VAL A 277 -2.72 37.55 8.82
N GLY A 278 -3.27 38.75 8.82
CA GLY A 278 -2.88 39.77 7.85
C GLY A 278 -2.75 39.32 6.40
N GLY A 279 -3.61 38.42 5.98
CA GLY A 279 -3.55 37.97 4.61
C GLY A 279 -2.49 36.92 4.40
N LEU A 280 -1.87 36.46 5.49
CA LEU A 280 -0.83 35.41 5.40
C LEU A 280 -1.43 34.10 5.85
N GLU A 281 -0.79 33.00 5.48
CA GLU A 281 -1.27 31.68 5.85
C GLU A 281 -0.10 30.78 6.22
N PHE A 282 -0.22 30.09 7.37
CA PHE A 282 0.81 29.14 7.80
C PHE A 282 0.14 27.78 7.86
N PRO A 283 0.16 27.03 6.75
CA PRO A 283 -0.48 25.71 6.74
C PRO A 283 0.10 24.71 7.72
N ALA A 284 1.16 25.09 8.42
CA ALA A 284 1.78 24.20 9.39
C ALA A 284 2.13 24.98 10.65
N CYS A 285 1.42 24.70 11.74
CA CYS A 285 1.67 25.36 13.01
C CYS A 285 0.97 24.65 14.16
N PRO A 286 1.48 23.49 14.56
CA PRO A 286 0.87 22.73 15.66
C PRO A 286 0.84 23.51 16.97
N PHE A 287 -0.23 23.33 17.72
CA PHE A 287 -0.40 24.01 18.98
C PHE A 287 -1.07 23.10 19.99
N ASN A 288 -0.78 23.30 21.28
CA ASN A 288 -1.39 22.48 22.33
C ASN A 288 -1.94 23.33 23.49
N GLY A 289 -2.53 22.63 24.44
CA GLY A 289 -3.10 23.25 25.63
C GLY A 289 -3.31 21.97 26.42
N TRP A 290 -4.22 21.95 27.38
CA TRP A 290 -4.44 20.70 28.11
C TRP A 290 -5.82 20.15 27.85
N TYR A 291 -6.07 18.96 28.37
CA TYR A 291 -7.35 18.29 28.17
C TYR A 291 -8.48 18.73 29.08
N MET A 292 -9.69 18.43 28.65
CA MET A 292 -10.88 18.69 29.44
C MET A 292 -11.38 17.26 29.58
N GLY A 293 -11.59 16.83 30.81
CA GLY A 293 -12.04 15.47 31.04
C GLY A 293 -12.82 14.79 29.94
N THR A 294 -14.04 15.28 29.69
CA THR A 294 -14.93 14.71 28.68
C THR A 294 -14.32 14.35 27.34
N GLU A 295 -13.32 15.11 26.90
CA GLU A 295 -12.69 14.82 25.62
C GLU A 295 -12.25 13.36 25.56
N ILE A 296 -11.65 12.89 26.64
CA ILE A 296 -11.16 11.52 26.71
C ILE A 296 -12.20 10.54 27.19
N GLY A 297 -12.71 10.78 28.39
CA GLY A 297 -13.70 9.90 28.99
C GLY A 297 -14.98 9.70 28.21
N VAL A 298 -15.59 10.81 27.77
CA VAL A 298 -16.85 10.74 27.04
C VAL A 298 -16.73 10.48 25.52
N ARG A 299 -15.91 11.24 24.82
CA ARG A 299 -15.76 11.07 23.37
C ARG A 299 -14.78 10.02 22.85
N ASP A 300 -13.55 10.04 23.35
CA ASP A 300 -12.54 9.07 22.90
C ASP A 300 -12.84 7.64 23.30
N PHE A 301 -13.19 7.45 24.56
CA PHE A 301 -13.49 6.12 25.08
C PHE A 301 -14.92 5.61 24.80
N CYS A 302 -15.90 6.51 24.73
CA CYS A 302 -17.27 6.06 24.52
C CYS A 302 -17.85 6.16 23.14
N ASP A 303 -17.48 7.18 22.37
CA ASP A 303 -18.02 7.29 21.02
C ASP A 303 -18.01 5.90 20.41
N THR A 304 -19.13 5.52 19.79
CA THR A 304 -19.20 4.21 19.18
C THR A 304 -18.24 4.17 18.01
N GLN A 305 -18.00 5.33 17.42
CA GLN A 305 -17.09 5.44 16.28
C GLN A 305 -15.62 5.53 16.71
N ARG A 306 -15.37 5.61 18.02
CA ARG A 306 -14.00 5.68 18.55
C ARG A 306 -13.61 4.39 19.25
N TYR A 307 -13.32 4.45 20.54
CA TYR A 307 -12.94 3.26 21.29
C TYR A 307 -14.13 2.45 21.77
N ASN A 308 -15.29 3.08 21.73
CA ASN A 308 -16.56 2.47 22.12
C ASN A 308 -16.50 1.43 23.24
N ILE A 309 -16.26 1.87 24.48
CA ILE A 309 -16.18 0.97 25.61
C ILE A 309 -17.34 1.16 26.60
N LEU A 310 -18.41 1.83 26.16
CA LEU A 310 -19.52 2.10 27.06
C LEU A 310 -20.31 0.86 27.51
N GLU A 311 -20.42 -0.17 26.69
CA GLU A 311 -21.17 -1.32 27.17
C GLU A 311 -20.34 -2.09 28.20
N GLU A 312 -19.11 -2.42 27.81
CA GLU A 312 -18.19 -3.16 28.65
C GLU A 312 -18.08 -2.56 30.05
N VAL A 313 -17.97 -1.25 30.15
CA VAL A 313 -17.87 -0.61 31.45
C VAL A 313 -19.16 -0.85 32.25
N GLY A 314 -20.29 -0.86 31.56
CA GLY A 314 -21.56 -1.07 32.24
C GLY A 314 -21.69 -2.50 32.76
N ARG A 315 -21.42 -3.48 31.88
CA ARG A 315 -21.48 -4.89 32.27
C ARG A 315 -20.68 -5.02 33.56
N ARG A 316 -19.40 -4.66 33.50
CA ARG A 316 -18.51 -4.69 34.64
C ARG A 316 -18.98 -3.81 35.79
N MET A 317 -20.17 -3.24 35.66
CA MET A 317 -20.72 -2.42 36.73
C MET A 317 -21.99 -3.15 37.13
N GLY A 318 -22.25 -4.23 36.40
CA GLY A 318 -23.42 -5.07 36.62
C GLY A 318 -24.66 -4.24 36.45
N LEU A 319 -24.82 -3.65 35.26
CA LEU A 319 -25.98 -2.79 34.97
C LEU A 319 -26.91 -3.42 33.92
N GLU A 320 -28.20 -3.04 34.00
CA GLU A 320 -29.23 -3.53 33.08
C GLU A 320 -28.90 -3.13 31.66
N THR A 321 -27.73 -3.53 31.22
CA THR A 321 -27.20 -3.23 29.89
C THR A 321 -28.11 -3.52 28.67
N HIS A 322 -29.31 -4.05 28.91
CA HIS A 322 -30.24 -4.33 27.81
C HIS A 322 -31.56 -3.64 28.03
N THR A 323 -31.54 -2.62 28.88
CA THR A 323 -32.72 -1.86 29.20
C THR A 323 -32.38 -0.37 29.14
N LEU A 324 -32.31 0.12 27.91
CA LEU A 324 -32.02 1.51 27.62
C LEU A 324 -32.69 2.46 28.62
N ALA A 325 -33.91 2.14 29.03
CA ALA A 325 -34.65 3.00 29.97
C ALA A 325 -34.06 3.06 31.37
N SER A 326 -33.23 2.09 31.72
CA SER A 326 -32.64 2.05 33.06
C SER A 326 -31.65 3.19 33.31
N LEU A 327 -31.19 3.82 32.22
CA LEU A 327 -30.23 4.93 32.28
C LEU A 327 -28.85 4.43 32.68
N TRP A 328 -28.52 3.20 32.28
CA TRP A 328 -27.22 2.67 32.63
C TRP A 328 -26.08 3.41 31.94
N LYS A 329 -26.32 3.94 30.74
CA LYS A 329 -25.27 4.68 30.05
C LYS A 329 -24.93 5.94 30.85
N ASP A 330 -25.95 6.58 31.40
CA ASP A 330 -25.76 7.79 32.19
C ASP A 330 -24.88 7.45 33.40
N ARG A 331 -25.02 6.20 33.86
CA ARG A 331 -24.29 5.67 35.01
C ARG A 331 -22.86 5.38 34.64
N ALA A 332 -22.69 4.70 33.52
CA ALA A 332 -21.38 4.32 33.01
C ALA A 332 -20.50 5.52 32.72
N VAL A 333 -20.77 6.17 31.60
CA VAL A 333 -20.01 7.32 31.17
C VAL A 333 -19.57 8.20 32.34
N THR A 334 -20.37 8.33 33.40
CA THR A 334 -19.95 9.17 34.52
C THR A 334 -18.80 8.57 35.32
N GLU A 335 -18.92 7.30 35.69
CA GLU A 335 -17.86 6.66 36.44
C GLU A 335 -16.61 6.72 35.58
N ILE A 336 -16.78 6.58 34.27
CA ILE A 336 -15.66 6.65 33.34
C ILE A 336 -14.97 8.02 33.38
N ASN A 337 -15.75 9.09 33.54
CA ASN A 337 -15.16 10.42 33.62
C ASN A 337 -14.46 10.55 34.95
N VAL A 338 -14.90 9.77 35.92
CA VAL A 338 -14.28 9.84 37.24
C VAL A 338 -12.92 9.12 37.17
N ALA A 339 -12.87 8.03 36.42
CA ALA A 339 -11.62 7.29 36.28
C ALA A 339 -10.62 8.22 35.61
N VAL A 340 -11.04 8.78 34.47
CA VAL A 340 -10.21 9.69 33.68
C VAL A 340 -9.67 10.89 34.44
N LEU A 341 -10.52 11.58 35.19
CA LEU A 341 -10.07 12.75 35.94
C LEU A 341 -9.15 12.37 37.09
N HIS A 342 -9.46 11.26 37.73
CA HIS A 342 -8.66 10.76 38.85
C HIS A 342 -7.32 10.14 38.40
N SER A 343 -7.34 9.46 37.26
CA SER A 343 -6.12 8.85 36.71
C SER A 343 -5.13 9.91 36.25
N PHE A 344 -5.60 11.12 35.99
CA PHE A 344 -4.70 12.19 35.55
C PHE A 344 -4.09 12.89 36.76
N GLN A 345 -4.94 13.26 37.71
CA GLN A 345 -4.48 13.94 38.91
C GLN A 345 -3.56 13.07 39.76
N LYS A 346 -3.88 11.77 39.83
CA LYS A 346 -3.08 10.81 40.59
C LYS A 346 -1.65 10.86 40.10
N GLN A 347 -1.50 10.75 38.77
CA GLN A 347 -0.20 10.78 38.10
C GLN A 347 0.28 12.22 37.88
N ASN A 348 -0.53 13.16 38.37
CA ASN A 348 -0.23 14.59 38.32
C ASN A 348 -0.13 15.32 36.99
N VAL A 349 -0.87 14.85 35.98
CA VAL A 349 -0.89 15.49 34.67
C VAL A 349 -2.05 16.48 34.65
N THR A 350 -1.83 17.68 34.12
CA THR A 350 -2.88 18.69 34.08
C THR A 350 -4.11 18.19 33.35
N ILE A 351 -5.26 18.30 34.00
CA ILE A 351 -6.53 17.87 33.44
C ILE A 351 -7.55 18.88 33.96
N MET A 352 -8.68 19.01 33.30
CA MET A 352 -9.74 19.95 33.69
C MET A 352 -11.12 19.38 33.49
N ASP A 353 -11.89 19.28 34.58
CA ASP A 353 -13.25 18.75 34.52
C ASP A 353 -14.11 19.69 33.69
N HIS A 354 -15.20 19.17 33.12
CA HIS A 354 -16.05 19.98 32.26
C HIS A 354 -16.95 21.01 32.93
N HIS A 355 -17.20 20.88 34.23
CA HIS A 355 -18.04 21.86 34.89
C HIS A 355 -17.26 23.15 35.12
N THR A 356 -15.99 23.00 35.46
CA THR A 356 -15.13 24.16 35.68
C THR A 356 -14.81 24.84 34.36
N ALA A 357 -14.52 24.04 33.35
CA ALA A 357 -14.22 24.59 32.05
C ALA A 357 -15.41 25.44 31.62
N SER A 358 -16.59 24.83 31.63
CA SER A 358 -17.84 25.50 31.24
C SER A 358 -18.05 26.78 32.03
N GLU A 359 -17.45 26.83 33.20
CA GLU A 359 -17.59 28.00 34.06
C GLU A 359 -16.63 29.12 33.70
N SER A 360 -15.36 28.77 33.50
CA SER A 360 -14.35 29.76 33.15
C SER A 360 -14.71 30.39 31.81
N PHE A 361 -15.42 29.65 30.98
CA PHE A 361 -15.82 30.20 29.69
C PHE A 361 -16.82 31.33 29.82
N MET A 362 -17.74 31.22 30.76
CA MET A 362 -18.72 32.28 30.98
C MET A 362 -17.97 33.50 31.46
N LYS A 363 -16.97 33.30 32.32
CA LYS A 363 -16.18 34.40 32.85
C LYS A 363 -15.47 35.06 31.67
N HIS A 364 -14.93 34.22 30.79
CA HIS A 364 -14.24 34.69 29.60
C HIS A 364 -15.23 35.46 28.73
N MET A 365 -16.37 34.85 28.45
CA MET A 365 -17.41 35.48 27.63
C MET A 365 -17.86 36.83 28.19
N GLN A 366 -17.83 36.94 29.51
CA GLN A 366 -18.20 38.18 30.18
C GLN A 366 -17.14 39.22 29.91
N ASN A 367 -15.87 38.79 29.94
CA ASN A 367 -14.75 39.70 29.66
C ASN A 367 -14.74 40.13 28.20
N GLU A 368 -14.82 39.17 27.30
CA GLU A 368 -14.81 39.47 25.88
C GLU A 368 -15.87 40.50 25.49
N TYR A 369 -16.98 40.50 26.21
CA TYR A 369 -18.04 41.45 25.91
C TYR A 369 -17.74 42.85 26.44
N ARG A 370 -17.23 42.94 27.68
CA ARG A 370 -16.86 44.22 28.24
C ARG A 370 -15.61 44.69 27.50
N ALA A 371 -14.78 43.73 27.11
CA ALA A 371 -13.56 44.03 26.39
C ALA A 371 -13.88 44.58 25.03
N ARG A 372 -14.47 43.75 24.17
CA ARG A 372 -14.77 44.21 22.82
C ARG A 372 -16.17 43.99 22.30
N GLY A 373 -17.16 44.00 23.19
CA GLY A 373 -18.53 43.81 22.78
C GLY A 373 -18.80 42.66 21.81
N GLY A 374 -18.29 41.48 22.14
CA GLY A 374 -18.51 40.33 21.28
C GLY A 374 -17.55 39.19 21.56
N CYS A 375 -17.99 37.97 21.25
CA CYS A 375 -17.19 36.77 21.43
C CYS A 375 -17.75 35.67 20.55
N PRO A 376 -17.04 35.34 19.47
CA PRO A 376 -17.53 34.29 18.58
C PRO A 376 -17.57 32.97 19.32
N ALA A 377 -18.77 32.48 19.55
CA ALA A 377 -18.94 31.23 20.25
C ALA A 377 -19.87 30.28 19.49
N ASP A 378 -19.42 29.05 19.33
CA ASP A 378 -20.17 28.01 18.66
C ASP A 378 -20.82 27.16 19.74
N TRP A 379 -22.04 27.50 20.11
CA TRP A 379 -22.77 26.81 21.17
C TRP A 379 -22.70 25.28 21.11
N ILE A 380 -22.82 24.70 19.91
CA ILE A 380 -22.82 23.26 19.77
C ILE A 380 -21.55 22.56 20.23
N TRP A 381 -20.41 23.21 20.01
CA TRP A 381 -19.11 22.66 20.41
C TRP A 381 -18.73 23.02 21.85
N LEU A 382 -19.11 24.22 22.28
CA LEU A 382 -18.81 24.71 23.61
C LEU A 382 -19.54 23.96 24.72
N VAL A 383 -20.69 23.37 24.40
CA VAL A 383 -21.45 22.62 25.40
C VAL A 383 -20.94 21.17 25.43
N PRO A 384 -20.58 20.69 26.63
CA PRO A 384 -20.06 19.34 26.90
C PRO A 384 -20.93 18.21 26.38
N PRO A 385 -20.31 17.07 26.04
CA PRO A 385 -21.04 15.92 25.53
C PRO A 385 -21.78 15.19 26.65
N VAL A 386 -21.75 15.76 27.85
CA VAL A 386 -22.43 15.23 29.01
C VAL A 386 -22.66 16.40 29.96
N SER A 387 -23.82 16.43 30.63
CA SER A 387 -24.17 17.49 31.59
C SER A 387 -24.71 18.77 30.95
N GLY A 388 -25.02 18.72 29.66
CA GLY A 388 -25.53 19.88 28.96
C GLY A 388 -26.15 20.98 29.82
N SER A 389 -27.41 20.78 30.19
CA SER A 389 -28.16 21.73 30.99
C SER A 389 -27.53 22.03 32.35
N ILE A 390 -26.86 21.05 32.93
CA ILE A 390 -26.22 21.19 34.23
C ILE A 390 -25.08 22.20 34.25
N THR A 391 -24.70 22.70 33.07
CA THR A 391 -23.62 23.69 32.96
C THR A 391 -24.18 25.05 32.56
N PRO A 392 -23.55 26.16 32.97
CA PRO A 392 -24.03 27.50 32.64
C PRO A 392 -24.03 27.87 31.16
N VAL A 393 -23.09 27.32 30.41
CA VAL A 393 -22.97 27.62 28.98
C VAL A 393 -24.26 27.27 28.25
N PHE A 394 -24.84 26.14 28.61
CA PHE A 394 -26.07 25.66 28.00
C PHE A 394 -27.17 26.70 27.89
N HIS A 395 -27.34 27.50 28.96
CA HIS A 395 -28.39 28.52 29.01
C HIS A 395 -27.93 29.86 28.51
N GLN A 396 -26.84 29.86 27.74
CA GLN A 396 -26.26 31.09 27.22
C GLN A 396 -26.39 31.21 25.71
N GLU A 397 -27.01 32.30 25.23
CA GLU A 397 -27.15 32.53 23.80
C GLU A 397 -25.83 33.09 23.29
N MET A 398 -25.45 32.68 22.08
CA MET A 398 -24.19 33.11 21.49
C MET A 398 -24.32 33.39 20.00
N LEU A 399 -23.30 34.04 19.44
CA LEU A 399 -23.25 34.34 18.02
C LEU A 399 -21.96 33.70 17.51
N ASN A 400 -22.00 33.06 16.35
CA ASN A 400 -20.83 32.40 15.81
C ASN A 400 -20.33 32.98 14.49
N TYR A 401 -19.25 33.75 14.55
CA TYR A 401 -18.69 34.37 13.36
C TYR A 401 -17.20 34.15 13.23
N VAL A 402 -16.70 34.22 12.01
CA VAL A 402 -15.29 34.03 11.72
C VAL A 402 -14.58 35.38 11.57
N LEU A 403 -13.69 35.69 12.51
CA LEU A 403 -12.97 36.96 12.46
C LEU A 403 -11.56 36.71 11.94
N SER A 404 -10.63 37.59 12.30
CA SER A 404 -9.24 37.45 11.88
C SER A 404 -8.31 38.04 12.94
N PRO A 405 -7.20 37.34 13.27
CA PRO A 405 -6.73 36.05 12.76
C PRO A 405 -7.67 34.90 13.07
N PHE A 406 -7.42 33.73 12.50
CA PHE A 406 -8.31 32.60 12.72
C PHE A 406 -7.58 31.28 12.42
N TYR A 407 -8.03 30.19 13.03
CA TYR A 407 -7.45 28.88 12.78
C TYR A 407 -8.43 28.08 11.92
N TYR A 408 -8.11 27.93 10.63
CA TYR A 408 -8.99 27.21 9.70
C TYR A 408 -8.61 25.74 9.58
N TYR A 409 -9.51 24.94 9.02
CA TYR A 409 -9.21 23.52 8.80
C TYR A 409 -8.56 23.57 7.43
N GLN A 410 -7.99 22.46 6.99
CA GLN A 410 -7.37 22.40 5.68
C GLN A 410 -7.82 21.12 5.02
N ILE A 411 -7.44 20.88 3.78
CA ILE A 411 -7.83 19.65 3.13
C ILE A 411 -6.72 18.61 3.27
N GLU A 412 -7.10 17.38 3.66
CA GLU A 412 -6.16 16.29 3.82
C GLU A 412 -5.04 16.41 2.79
N PRO A 413 -3.81 16.66 3.24
CA PRO A 413 -2.67 16.79 2.32
C PRO A 413 -2.58 15.67 1.30
N TRP A 414 -2.80 14.44 1.73
CA TRP A 414 -2.71 13.32 0.81
C TRP A 414 -3.75 13.41 -0.30
N LYS A 415 -4.70 14.31 -0.15
CA LYS A 415 -5.73 14.49 -1.17
C LYS A 415 -5.28 15.53 -2.20
N THR A 416 -4.66 16.60 -1.72
CA THR A 416 -4.20 17.65 -2.61
C THR A 416 -2.69 17.75 -2.57
N HIS A 417 -2.03 16.68 -2.96
CA HIS A 417 -0.57 16.68 -2.98
C HIS A 417 -0.06 16.08 -4.27
N ILE A 418 0.76 16.86 -4.97
CA ILE A 418 1.36 16.40 -6.22
C ILE A 418 2.65 15.68 -5.81
N TRP A 419 2.61 14.35 -5.79
CA TRP A 419 3.77 13.58 -5.40
C TRP A 419 4.90 13.76 -6.40
N GLN B 1 30.68 -27.32 -39.45
CA GLN B 1 31.27 -28.46 -38.68
C GLN B 1 30.28 -28.86 -37.59
N TYR B 2 30.76 -29.50 -36.52
CA TYR B 2 29.88 -29.92 -35.44
C TYR B 2 30.54 -29.83 -34.06
N VAL B 3 29.86 -30.38 -33.06
CA VAL B 3 30.38 -30.42 -31.69
C VAL B 3 30.06 -31.81 -31.12
N ARG B 4 31.12 -32.58 -30.86
CA ARG B 4 31.02 -33.93 -30.32
C ARG B 4 30.47 -33.89 -28.87
N ILE B 5 29.36 -34.61 -28.65
CA ILE B 5 28.70 -34.69 -27.35
C ILE B 5 28.70 -36.14 -26.93
N LYS B 6 29.17 -36.41 -25.71
CA LYS B 6 29.25 -37.79 -25.21
C LYS B 6 28.42 -38.09 -23.99
N ASN B 7 27.88 -39.31 -23.97
CA ASN B 7 27.07 -39.79 -22.84
C ASN B 7 27.84 -40.88 -22.13
N TRP B 8 28.48 -40.52 -21.02
CA TRP B 8 29.28 -41.47 -20.27
C TRP B 8 28.45 -42.59 -19.69
N GLY B 9 27.18 -42.65 -20.09
CA GLY B 9 26.30 -43.70 -19.61
C GLY B 9 26.29 -44.86 -20.60
N SER B 10 25.93 -44.55 -21.84
CA SER B 10 25.88 -45.52 -22.93
C SER B 10 27.19 -45.41 -23.72
N GLY B 11 27.95 -44.37 -23.43
CA GLY B 11 29.22 -44.14 -24.11
C GLY B 11 29.04 -43.66 -25.53
N GLU B 12 27.79 -43.43 -25.93
CA GLU B 12 27.51 -43.00 -27.27
C GLU B 12 27.87 -41.56 -27.55
N ILE B 13 28.36 -41.29 -28.77
CA ILE B 13 28.72 -39.93 -29.17
C ILE B 13 27.70 -39.37 -30.15
N LEU B 14 27.47 -38.06 -30.08
CA LEU B 14 26.53 -37.38 -30.99
C LEU B 14 27.24 -36.12 -31.48
N HIS B 15 26.74 -35.52 -32.54
CA HIS B 15 27.35 -34.30 -33.06
C HIS B 15 26.30 -33.21 -33.23
N ASP B 16 26.35 -32.22 -32.37
CA ASP B 16 25.39 -31.13 -32.45
C ASP B 16 25.82 -30.20 -33.56
N THR B 17 24.94 -30.00 -34.54
CA THR B 17 25.26 -29.12 -35.66
C THR B 17 24.25 -27.97 -35.67
N LEU B 18 23.13 -28.19 -35.00
CA LEU B 18 22.02 -27.22 -34.90
C LEU B 18 22.39 -25.90 -34.23
N HIS B 19 23.33 -25.94 -33.29
CA HIS B 19 23.74 -24.75 -32.56
C HIS B 19 24.21 -23.68 -33.52
N HIS B 20 24.37 -24.06 -34.77
CA HIS B 20 24.81 -23.12 -35.77
C HIS B 20 23.72 -22.09 -36.03
N LYS B 21 22.48 -22.54 -35.99
CA LYS B 21 21.36 -21.64 -36.22
C LYS B 21 21.08 -20.72 -35.04
N ALA B 22 21.94 -20.77 -34.02
CA ALA B 22 21.77 -19.94 -32.83
C ALA B 22 21.76 -18.45 -33.14
N THR B 23 20.75 -17.77 -32.60
CA THR B 23 20.53 -16.34 -32.80
C THR B 23 21.70 -15.45 -32.35
N SER B 24 21.43 -14.69 -31.28
CA SER B 24 22.40 -13.80 -30.67
C SER B 24 23.32 -14.66 -29.80
N ASP B 25 24.30 -14.03 -29.17
CA ASP B 25 25.21 -14.77 -28.31
C ASP B 25 24.51 -15.13 -27.03
N PHE B 26 24.90 -16.29 -26.50
CA PHE B 26 24.35 -16.82 -25.28
C PHE B 26 24.95 -16.11 -24.06
N THR B 27 24.71 -16.66 -22.88
CA THR B 27 25.17 -16.09 -21.61
C THR B 27 26.69 -16.01 -21.35
N CYS B 28 27.39 -17.07 -21.75
CA CYS B 28 28.83 -17.20 -21.49
C CYS B 28 29.84 -16.43 -22.32
N LYS B 29 30.83 -15.90 -21.58
CA LYS B 29 31.94 -15.16 -22.16
C LYS B 29 32.82 -16.20 -22.85
N SER B 30 33.87 -15.71 -23.51
CA SER B 30 34.81 -16.56 -24.22
C SER B 30 35.69 -17.35 -23.22
N LYS B 31 36.19 -16.63 -22.20
CA LYS B 31 37.06 -17.20 -21.16
C LYS B 31 36.37 -17.54 -19.80
N SER B 32 35.08 -17.24 -19.68
CA SER B 32 34.34 -17.55 -18.46
C SER B 32 32.98 -18.19 -18.79
N CYS B 33 32.43 -18.96 -17.85
CA CYS B 33 31.13 -19.60 -18.04
C CYS B 33 30.20 -19.21 -16.89
N LEU B 34 29.02 -18.69 -17.26
CA LEU B 34 28.02 -18.28 -16.28
C LEU B 34 26.77 -19.13 -16.52
N GLY B 35 26.96 -20.38 -16.95
CA GLY B 35 25.84 -21.25 -17.23
C GLY B 35 24.93 -21.55 -16.05
N SER B 36 25.34 -21.13 -14.85
CA SER B 36 24.54 -21.38 -13.66
C SER B 36 23.77 -20.13 -13.25
N ILE B 37 23.79 -19.10 -14.10
CA ILE B 37 23.06 -17.88 -13.79
C ILE B 37 21.59 -18.08 -14.12
N MET B 38 20.75 -17.92 -13.11
CA MET B 38 19.30 -18.08 -13.25
C MET B 38 18.64 -17.29 -14.37
N ASN B 39 18.61 -15.97 -14.22
CA ASN B 39 17.95 -15.14 -15.21
C ASN B 39 18.90 -14.24 -16.00
N PRO B 40 19.75 -14.81 -16.87
CA PRO B 40 20.70 -14.04 -17.67
C PRO B 40 20.02 -13.17 -18.73
N LYS B 41 20.62 -12.04 -19.07
CA LYS B 41 20.02 -11.18 -20.08
C LYS B 41 19.78 -11.97 -21.35
N SER B 42 20.65 -12.94 -21.58
CA SER B 42 20.55 -13.78 -22.75
C SER B 42 19.15 -14.35 -22.91
N LEU B 43 18.56 -14.77 -21.81
CA LEU B 43 17.23 -15.36 -21.81
C LEU B 43 16.04 -14.41 -21.65
N THR B 44 16.29 -13.15 -21.32
CA THR B 44 15.19 -12.20 -21.14
C THR B 44 14.88 -11.42 -22.41
N ARG B 45 13.70 -10.80 -22.45
CA ARG B 45 13.24 -10.00 -23.59
C ARG B 45 12.30 -8.93 -23.04
N GLY B 46 12.85 -7.76 -22.76
CA GLY B 46 12.08 -6.69 -22.17
C GLY B 46 11.19 -5.77 -22.98
N PRO B 47 10.77 -4.65 -22.36
CA PRO B 47 9.90 -3.57 -22.85
C PRO B 47 10.36 -2.90 -24.14
N ARG B 48 9.51 -2.04 -24.71
CA ARG B 48 9.83 -1.31 -25.94
C ARG B 48 9.02 -0.01 -25.98
N ASP B 49 9.67 1.08 -26.42
CA ASP B 49 9.03 2.40 -26.50
C ASP B 49 8.35 2.59 -27.84
N LYS B 50 8.97 2.01 -28.87
CA LYS B 50 8.48 2.10 -30.24
C LYS B 50 8.50 0.74 -30.91
N PRO B 51 8.00 0.68 -32.16
CA PRO B 51 8.00 -0.60 -32.87
C PRO B 51 9.41 -1.06 -33.17
N THR B 52 9.55 -2.34 -33.47
CA THR B 52 10.84 -2.92 -33.78
C THR B 52 11.29 -2.51 -35.18
N PRO B 53 12.52 -2.01 -35.30
CA PRO B 53 13.11 -1.57 -36.57
C PRO B 53 12.90 -2.57 -37.71
N LEU B 54 12.29 -2.11 -38.79
CA LEU B 54 12.06 -2.98 -39.94
C LEU B 54 13.34 -3.71 -40.33
N GLU B 55 14.46 -3.03 -40.15
CA GLU B 55 15.77 -3.58 -40.48
C GLU B 55 16.00 -4.96 -39.87
N GLU B 56 15.58 -5.13 -38.62
CA GLU B 56 15.78 -6.41 -37.95
C GLU B 56 14.55 -7.32 -37.89
N LEU B 57 13.36 -6.75 -38.08
CA LEU B 57 12.15 -7.54 -38.06
C LEU B 57 12.06 -8.43 -39.31
N LEU B 58 12.11 -7.79 -40.47
CA LEU B 58 12.01 -8.49 -41.75
C LEU B 58 12.91 -9.71 -41.97
N PRO B 59 14.17 -9.65 -41.51
CA PRO B 59 15.06 -10.80 -41.68
C PRO B 59 14.57 -12.02 -40.88
N HIS B 60 14.12 -11.76 -39.66
CA HIS B 60 13.61 -12.80 -38.78
C HIS B 60 12.33 -13.38 -39.34
N ALA B 61 11.38 -12.49 -39.64
CA ALA B 61 10.10 -12.91 -40.20
C ALA B 61 10.32 -13.86 -41.36
N ILE B 62 11.31 -13.56 -42.19
CA ILE B 62 11.62 -14.39 -43.35
C ILE B 62 12.19 -15.74 -42.91
N GLU B 63 13.06 -15.72 -41.90
CA GLU B 63 13.67 -16.95 -41.39
C GLU B 63 12.58 -17.88 -40.88
N PHE B 64 11.59 -17.31 -40.18
CA PHE B 64 10.48 -18.08 -39.65
C PHE B 64 9.63 -18.69 -40.74
N ILE B 65 9.20 -17.87 -41.68
CA ILE B 65 8.38 -18.32 -42.80
C ILE B 65 9.05 -19.51 -43.47
N ASN B 66 10.33 -19.36 -43.78
CA ASN B 66 11.07 -20.44 -44.41
C ASN B 66 10.94 -21.65 -43.51
N GLN B 67 11.36 -21.48 -42.26
CA GLN B 67 11.33 -22.52 -41.26
C GLN B 67 10.03 -23.31 -41.25
N TYR B 68 8.93 -22.57 -41.23
CA TYR B 68 7.57 -23.12 -41.21
C TYR B 68 7.34 -24.08 -42.36
N TYR B 69 7.40 -23.57 -43.59
CA TYR B 69 7.19 -24.41 -44.75
C TYR B 69 8.18 -25.57 -44.78
N GLY B 70 9.34 -25.34 -44.19
CA GLY B 70 10.38 -26.35 -44.15
C GLY B 70 10.00 -27.56 -43.33
N SER B 71 8.87 -27.47 -42.62
CA SER B 71 8.40 -28.58 -41.80
C SER B 71 7.58 -29.56 -42.62
N PHE B 72 6.74 -29.02 -43.51
CA PHE B 72 5.85 -29.80 -44.35
C PHE B 72 6.49 -31.08 -44.86
N LYS B 73 5.77 -32.19 -44.72
CA LYS B 73 6.26 -33.51 -45.15
C LYS B 73 6.78 -33.34 -46.57
N GLU B 74 5.96 -32.71 -47.41
CA GLU B 74 6.37 -32.44 -48.79
C GLU B 74 6.05 -30.97 -49.06
N ALA B 75 6.97 -30.32 -49.77
CA ALA B 75 6.91 -28.89 -50.10
C ALA B 75 5.63 -28.33 -50.70
N LYS B 76 5.68 -27.02 -50.89
CA LYS B 76 4.60 -26.20 -51.45
C LYS B 76 5.30 -24.88 -51.81
N ILE B 77 6.33 -25.01 -52.62
CA ILE B 77 7.17 -23.90 -53.06
C ILE B 77 6.40 -22.65 -53.45
N GLU B 78 5.41 -22.83 -54.30
CA GLU B 78 4.57 -21.74 -54.78
C GLU B 78 3.97 -20.94 -53.62
N GLU B 79 3.43 -21.67 -52.63
CA GLU B 79 2.82 -21.08 -51.45
C GLU B 79 3.89 -20.56 -50.54
N HIS B 80 5.02 -21.24 -50.54
CA HIS B 80 6.13 -20.83 -49.73
C HIS B 80 6.59 -19.45 -50.23
N LEU B 81 6.79 -19.36 -51.54
CA LEU B 81 7.22 -18.11 -52.17
C LEU B 81 6.14 -17.05 -52.01
N ALA B 82 4.89 -17.47 -52.15
CA ALA B 82 3.75 -16.57 -51.99
C ALA B 82 3.79 -15.88 -50.63
N ARG B 83 3.88 -16.70 -49.57
CA ARG B 83 3.92 -16.24 -48.19
C ARG B 83 5.16 -15.36 -47.94
N LEU B 84 6.29 -15.76 -48.49
CA LEU B 84 7.52 -14.97 -48.32
C LEU B 84 7.31 -13.54 -48.84
N GLU B 85 6.68 -13.40 -50.01
CA GLU B 85 6.44 -12.07 -50.56
C GLU B 85 5.44 -11.31 -49.72
N ALA B 86 4.22 -11.82 -49.65
CA ALA B 86 3.17 -11.16 -48.88
C ALA B 86 3.71 -10.57 -47.57
N VAL B 87 4.41 -11.40 -46.80
CA VAL B 87 4.99 -10.96 -45.53
C VAL B 87 5.94 -9.77 -45.69
N THR B 88 6.88 -9.88 -46.64
CA THR B 88 7.85 -8.81 -46.89
C THR B 88 7.11 -7.52 -47.21
N LYS B 89 6.31 -7.56 -48.26
CA LYS B 89 5.52 -6.41 -48.66
C LYS B 89 4.79 -5.82 -47.45
N GLU B 90 4.12 -6.70 -46.71
CA GLU B 90 3.34 -6.31 -45.54
C GLU B 90 4.16 -5.60 -44.46
N ILE B 91 5.30 -6.18 -44.12
CA ILE B 91 6.18 -5.60 -43.11
C ILE B 91 6.66 -4.22 -43.56
N GLU B 92 7.01 -4.10 -44.84
CA GLU B 92 7.48 -2.85 -45.40
C GLU B 92 6.37 -1.81 -45.47
N THR B 93 5.19 -2.25 -45.89
CA THR B 93 4.05 -1.34 -46.01
C THR B 93 3.35 -0.99 -44.68
N THR B 94 3.31 -1.94 -43.72
CA THR B 94 2.64 -1.70 -42.44
C THR B 94 3.55 -1.60 -41.21
N GLY B 95 4.82 -2.01 -41.37
CA GLY B 95 5.74 -1.96 -40.26
C GLY B 95 5.74 -3.22 -39.43
N THR B 96 4.75 -4.08 -39.67
CA THR B 96 4.64 -5.33 -38.93
C THR B 96 3.93 -6.35 -39.82
N TYR B 97 3.39 -7.40 -39.19
CA TYR B 97 2.65 -8.44 -39.91
C TYR B 97 1.95 -9.38 -38.94
N GLN B 98 0.94 -10.08 -39.46
CA GLN B 98 0.14 -11.02 -38.67
C GLN B 98 0.39 -12.46 -39.09
N LEU B 99 0.39 -13.37 -38.12
CA LEU B 99 0.62 -14.78 -38.41
C LEU B 99 -0.68 -15.50 -38.84
N THR B 100 -0.56 -16.50 -39.73
CA THR B 100 -1.73 -17.27 -40.12
C THR B 100 -1.82 -18.27 -38.96
N LEU B 101 -3.03 -18.58 -38.49
CA LEU B 101 -3.22 -19.49 -37.37
C LEU B 101 -2.33 -20.73 -37.34
N ASP B 102 -2.03 -21.30 -38.50
CA ASP B 102 -1.19 -22.48 -38.52
C ASP B 102 0.27 -22.15 -38.29
N GLU B 103 0.63 -20.90 -38.50
CA GLU B 103 2.01 -20.47 -38.25
C GLU B 103 2.12 -20.23 -36.73
N LEU B 104 1.12 -19.58 -36.14
CA LEU B 104 1.10 -19.32 -34.70
C LEU B 104 1.19 -20.65 -33.95
N ILE B 105 0.36 -21.60 -34.37
CA ILE B 105 0.33 -22.94 -33.77
C ILE B 105 1.72 -23.55 -33.90
N PHE B 106 2.25 -23.56 -35.12
CA PHE B 106 3.56 -24.11 -35.39
C PHE B 106 4.61 -23.45 -34.51
N ALA B 107 4.51 -22.14 -34.40
CA ALA B 107 5.44 -21.36 -33.59
C ALA B 107 5.45 -21.81 -32.13
N THR B 108 4.27 -21.87 -31.52
CA THR B 108 4.14 -22.25 -30.12
C THR B 108 4.66 -23.65 -29.76
N LYS B 109 4.47 -24.63 -30.63
CA LYS B 109 4.98 -25.96 -30.34
C LYS B 109 6.51 -25.91 -30.48
N MET B 110 6.98 -25.21 -31.52
CA MET B 110 8.41 -25.06 -31.77
C MET B 110 9.12 -24.36 -30.61
N ALA B 111 8.53 -23.30 -30.09
CA ALA B 111 9.11 -22.54 -28.98
C ALA B 111 9.25 -23.40 -27.74
N TRP B 112 8.43 -24.44 -27.70
CA TRP B 112 8.39 -25.41 -26.59
C TRP B 112 9.46 -26.46 -26.86
N ARG B 113 9.58 -26.80 -28.12
CA ARG B 113 10.54 -27.77 -28.56
C ARG B 113 11.96 -27.21 -28.39
N ASN B 114 12.06 -25.88 -28.31
CA ASN B 114 13.33 -25.17 -28.14
C ASN B 114 13.64 -24.66 -26.72
N ALA B 115 12.77 -24.93 -25.76
CA ALA B 115 13.02 -24.48 -24.39
C ALA B 115 14.12 -25.39 -23.85
N PRO B 116 15.34 -24.86 -23.69
CA PRO B 116 16.42 -25.70 -23.18
C PRO B 116 16.33 -26.11 -21.71
N ARG B 117 15.33 -25.60 -20.99
CA ARG B 117 15.18 -25.93 -19.57
C ARG B 117 14.01 -26.86 -19.23
N CYS B 118 13.28 -27.32 -20.25
CA CYS B 118 12.13 -28.22 -20.07
C CYS B 118 12.46 -29.70 -20.18
N ILE B 119 12.21 -30.44 -19.10
CA ILE B 119 12.49 -31.88 -19.07
C ILE B 119 11.49 -32.70 -19.86
N GLY B 120 10.32 -32.11 -20.11
CA GLY B 120 9.29 -32.84 -20.83
C GLY B 120 8.96 -32.39 -22.23
N ARG B 121 9.97 -32.08 -23.04
CA ARG B 121 9.72 -31.64 -24.40
C ARG B 121 9.36 -32.78 -25.35
N ILE B 122 9.50 -34.02 -24.91
CA ILE B 122 9.16 -35.16 -25.77
C ILE B 122 7.68 -35.09 -26.13
N GLN B 123 7.02 -34.09 -25.54
CA GLN B 123 5.61 -33.85 -25.73
C GLN B 123 5.34 -32.64 -26.62
N TRP B 124 6.41 -31.95 -27.02
CA TRP B 124 6.33 -30.72 -27.81
C TRP B 124 5.30 -30.57 -28.91
N SER B 125 5.16 -31.54 -29.79
CA SER B 125 4.18 -31.41 -30.87
C SER B 125 2.74 -31.65 -30.41
N ASN B 126 2.59 -31.98 -29.14
CA ASN B 126 1.26 -32.25 -28.58
C ASN B 126 0.86 -31.08 -27.67
N LEU B 127 0.20 -30.08 -28.24
CA LEU B 127 -0.20 -28.90 -27.48
C LEU B 127 -1.46 -28.24 -28.03
N GLN B 128 -2.32 -27.74 -27.14
CA GLN B 128 -3.55 -27.08 -27.54
C GLN B 128 -3.32 -25.59 -27.61
N VAL B 129 -3.71 -24.97 -28.73
CA VAL B 129 -3.50 -23.53 -28.90
C VAL B 129 -4.79 -22.69 -28.94
N PHE B 130 -5.01 -21.88 -27.91
CA PHE B 130 -6.19 -21.02 -27.87
C PHE B 130 -5.82 -19.63 -28.40
N ASP B 131 -6.19 -19.36 -29.65
CA ASP B 131 -5.89 -18.09 -30.27
C ASP B 131 -6.76 -16.93 -29.77
N ALA B 132 -6.25 -16.19 -28.79
CA ALA B 132 -6.99 -15.05 -28.25
C ALA B 132 -6.36 -13.72 -28.71
N ARG B 133 -5.88 -13.68 -29.95
CA ARG B 133 -5.23 -12.49 -30.50
C ARG B 133 -6.19 -11.35 -30.84
N ASN B 134 -7.48 -11.63 -30.66
CA ASN B 134 -8.58 -10.70 -30.93
C ASN B 134 -8.98 -9.97 -29.63
N CYS B 135 -8.69 -10.59 -28.50
CA CYS B 135 -9.01 -10.06 -27.19
C CYS B 135 -8.79 -8.55 -27.06
N SER B 136 -9.78 -7.86 -26.48
CA SER B 136 -9.70 -6.40 -26.30
C SER B 136 -9.70 -5.86 -24.88
N THR B 137 -10.18 -6.64 -23.90
CA THR B 137 -10.21 -6.13 -22.53
C THR B 137 -9.82 -7.13 -21.46
N ALA B 138 -9.55 -6.61 -20.26
CA ALA B 138 -9.16 -7.43 -19.13
C ALA B 138 -10.24 -8.48 -18.88
N GLN B 139 -11.50 -8.05 -18.93
CA GLN B 139 -12.62 -8.95 -18.73
C GLN B 139 -12.51 -10.15 -19.67
N GLU B 140 -12.20 -9.88 -20.94
CA GLU B 140 -12.07 -10.96 -21.92
C GLU B 140 -10.91 -11.90 -21.63
N MET B 141 -9.77 -11.35 -21.24
CA MET B 141 -8.60 -12.16 -20.91
C MET B 141 -9.01 -13.15 -19.83
N PHE B 142 -9.61 -12.60 -18.78
CA PHE B 142 -10.07 -13.39 -17.65
C PHE B 142 -10.92 -14.53 -18.14
N GLN B 143 -11.85 -14.23 -19.03
CA GLN B 143 -12.72 -15.25 -19.58
C GLN B 143 -11.87 -16.26 -20.32
N HIS B 144 -10.91 -15.75 -21.07
CA HIS B 144 -10.02 -16.62 -21.83
C HIS B 144 -9.20 -17.49 -20.90
N ILE B 145 -8.66 -16.89 -19.86
CA ILE B 145 -7.86 -17.62 -18.90
C ILE B 145 -8.71 -18.66 -18.17
N CYS B 146 -9.98 -18.33 -17.92
CA CYS B 146 -10.86 -19.27 -17.25
C CYS B 146 -11.09 -20.49 -18.12
N ARG B 147 -11.32 -20.25 -19.41
CA ARG B 147 -11.56 -21.32 -20.38
C ARG B 147 -10.33 -22.22 -20.49
N HIS B 148 -9.16 -21.60 -20.42
CA HIS B 148 -7.90 -22.31 -20.50
C HIS B 148 -7.72 -23.10 -19.21
N ILE B 149 -7.82 -22.44 -18.07
CA ILE B 149 -7.67 -23.15 -16.80
C ILE B 149 -8.61 -24.34 -16.75
N LEU B 150 -9.81 -24.18 -17.30
CA LEU B 150 -10.82 -25.23 -17.31
C LEU B 150 -10.50 -26.36 -18.27
N TYR B 151 -10.13 -26.03 -19.50
CA TYR B 151 -9.80 -27.03 -20.51
C TYR B 151 -8.57 -27.85 -20.13
N ALA B 152 -7.56 -27.17 -19.60
CA ALA B 152 -6.31 -27.82 -19.20
C ALA B 152 -6.47 -28.77 -18.00
N THR B 153 -7.20 -28.35 -16.98
CA THR B 153 -7.42 -29.18 -15.80
C THR B 153 -8.05 -30.50 -16.21
N ASN B 154 -9.14 -30.43 -16.97
CA ASN B 154 -9.82 -31.63 -17.46
C ASN B 154 -10.20 -32.61 -16.34
N ASN B 155 -10.76 -32.06 -15.28
CA ASN B 155 -11.20 -32.82 -14.12
C ASN B 155 -10.05 -33.72 -13.59
N GLY B 156 -8.83 -33.23 -13.71
CA GLY B 156 -7.69 -34.00 -13.25
C GLY B 156 -6.83 -34.59 -14.35
N ASN B 157 -7.42 -34.84 -15.51
CA ASN B 157 -6.64 -35.39 -16.61
C ASN B 157 -6.05 -34.24 -17.40
N ILE B 158 -5.02 -33.64 -16.84
CA ILE B 158 -4.34 -32.49 -17.44
C ILE B 158 -4.01 -32.63 -18.92
N ARG B 159 -4.25 -31.55 -19.65
CA ARG B 159 -3.99 -31.46 -21.09
C ARG B 159 -3.17 -30.20 -21.34
N SER B 160 -2.01 -30.35 -21.98
CA SER B 160 -1.15 -29.22 -22.28
C SER B 160 -1.89 -28.25 -23.21
N ALA B 161 -1.77 -26.96 -22.95
CA ALA B 161 -2.43 -25.95 -23.77
C ALA B 161 -1.82 -24.57 -23.55
N ILE B 162 -2.04 -23.67 -24.48
CA ILE B 162 -1.52 -22.32 -24.37
C ILE B 162 -2.49 -21.31 -24.97
N THR B 163 -2.58 -20.14 -24.36
CA THR B 163 -3.47 -19.12 -24.87
C THR B 163 -2.65 -17.93 -25.33
N VAL B 164 -2.62 -17.70 -26.64
CA VAL B 164 -1.88 -16.59 -27.23
C VAL B 164 -2.69 -15.31 -27.36
N PHE B 165 -2.30 -14.29 -26.61
CA PHE B 165 -2.97 -12.99 -26.62
C PHE B 165 -2.35 -12.07 -27.67
N PRO B 166 -2.96 -10.90 -27.92
CA PRO B 166 -2.46 -9.93 -28.91
C PRO B 166 -0.95 -9.70 -28.87
N GLN B 167 -0.32 -9.75 -30.05
CA GLN B 167 1.12 -9.54 -30.15
C GLN B 167 1.47 -8.11 -29.83
N ARG B 168 2.70 -7.88 -29.40
CA ARG B 168 3.16 -6.54 -29.08
C ARG B 168 3.26 -5.69 -30.34
N SER B 169 2.90 -4.42 -30.23
CA SER B 169 2.96 -3.50 -31.36
C SER B 169 4.07 -2.49 -31.10
N ASP B 170 3.72 -1.38 -30.45
CA ASP B 170 4.70 -0.34 -30.14
C ASP B 170 5.19 -0.55 -28.72
N GLY B 171 4.76 -1.65 -28.11
CA GLY B 171 5.18 -1.98 -26.77
C GLY B 171 4.59 -1.09 -25.70
N LYS B 172 3.77 -0.13 -26.11
CA LYS B 172 3.13 0.77 -25.17
C LYS B 172 1.71 0.26 -24.90
N HIS B 173 1.34 -0.81 -25.60
CA HIS B 173 0.03 -1.43 -25.47
C HIS B 173 0.11 -2.92 -25.11
N ASP B 174 1.26 -3.33 -24.59
CA ASP B 174 1.49 -4.73 -24.21
C ASP B 174 0.40 -5.35 -23.31
N PHE B 175 0.04 -6.59 -23.61
CA PHE B 175 -0.91 -7.32 -22.79
C PHE B 175 0.01 -8.05 -21.82
N ARG B 176 -0.34 -8.10 -20.54
CA ARG B 176 0.53 -8.79 -19.60
C ARG B 176 -0.18 -9.43 -18.44
N LEU B 177 0.18 -10.67 -18.14
CA LEU B 177 -0.37 -11.37 -16.99
C LEU B 177 0.67 -11.07 -15.91
N TRP B 178 0.31 -10.25 -14.93
CA TRP B 178 1.26 -9.89 -13.88
C TRP B 178 1.63 -11.04 -12.95
N ASN B 179 0.86 -12.12 -13.02
CA ASN B 179 1.12 -13.29 -12.19
C ASN B 179 2.28 -14.08 -12.80
N SER B 180 2.89 -14.95 -12.00
CA SER B 180 3.98 -15.79 -12.47
C SER B 180 3.37 -17.10 -12.99
N GLN B 181 2.30 -17.52 -12.33
CA GLN B 181 1.57 -18.74 -12.70
C GLN B 181 0.08 -18.42 -12.66
N LEU B 182 -0.70 -19.06 -13.51
CA LEU B 182 -2.14 -18.84 -13.51
C LEU B 182 -2.63 -19.05 -12.08
N ILE B 183 -2.37 -20.24 -11.56
CA ILE B 183 -2.75 -20.61 -10.20
C ILE B 183 -1.54 -20.71 -9.29
N ARG B 184 -1.57 -20.02 -8.15
CA ARG B 184 -0.45 -20.06 -7.22
C ARG B 184 -0.79 -19.44 -5.86
N TYR B 185 -0.20 -19.98 -4.80
CA TYR B 185 -0.48 -19.50 -3.44
C TYR B 185 0.17 -18.19 -3.00
N ALA B 186 -0.56 -17.41 -2.20
CA ALA B 186 -0.10 -16.13 -1.68
C ALA B 186 1.05 -16.21 -0.67
N GLY B 187 1.82 -15.13 -0.57
CA GLY B 187 2.94 -15.06 0.35
C GLY B 187 2.87 -13.84 1.26
N TYR B 188 2.53 -14.06 2.54
CA TYR B 188 2.41 -12.98 3.51
C TYR B 188 3.55 -12.96 4.51
N GLN B 189 4.03 -11.77 4.83
CA GLN B 189 5.09 -11.61 5.82
C GLN B 189 4.46 -11.06 7.11
N MET B 190 4.19 -11.93 8.07
CA MET B 190 3.57 -11.53 9.32
C MET B 190 4.23 -10.36 10.07
N PRO B 191 3.51 -9.77 11.04
CA PRO B 191 4.03 -8.63 11.82
C PRO B 191 5.36 -8.97 12.49
N ASP B 192 5.35 -10.02 13.30
CA ASP B 192 6.51 -10.51 14.04
C ASP B 192 7.72 -10.80 13.12
N GLY B 193 7.45 -11.08 11.85
CA GLY B 193 8.54 -11.33 10.91
C GLY B 193 8.39 -12.63 10.13
N THR B 194 7.77 -13.63 10.76
CA THR B 194 7.57 -14.94 10.13
C THR B 194 6.73 -14.82 8.88
N ILE B 195 7.11 -15.59 7.87
CA ILE B 195 6.41 -15.58 6.60
C ILE B 195 5.37 -16.71 6.58
N ARG B 196 4.18 -16.41 6.09
CA ARG B 196 3.08 -17.39 6.02
C ARG B 196 2.86 -17.81 4.55
N GLY B 197 2.61 -19.10 4.32
CA GLY B 197 2.40 -19.57 2.96
C GLY B 197 3.65 -19.62 2.09
N ASP B 198 3.46 -19.49 0.78
CA ASP B 198 4.58 -19.53 -0.18
C ASP B 198 5.36 -18.22 -0.16
N ALA B 199 6.57 -18.29 0.38
CA ALA B 199 7.44 -17.14 0.53
C ALA B 199 7.80 -16.46 -0.79
N ALA B 200 8.01 -17.28 -1.81
CA ALA B 200 8.40 -16.82 -3.13
C ALA B 200 7.50 -15.80 -3.81
N THR B 201 6.31 -15.57 -3.26
CA THR B 201 5.39 -14.63 -3.86
C THR B 201 5.07 -13.40 -3.01
N LEU B 202 5.93 -13.09 -2.04
CA LEU B 202 5.73 -11.94 -1.16
C LEU B 202 5.48 -10.62 -1.90
N GLU B 203 6.44 -10.23 -2.74
CA GLU B 203 6.36 -8.98 -3.48
C GLU B 203 5.04 -8.85 -4.25
N PHE B 204 4.76 -9.83 -5.10
CA PHE B 204 3.54 -9.83 -5.90
C PHE B 204 2.31 -9.84 -5.00
N THR B 205 2.26 -10.81 -4.08
CA THR B 205 1.16 -10.90 -3.13
C THR B 205 0.91 -9.51 -2.53
N GLN B 206 1.99 -8.81 -2.19
CA GLN B 206 1.85 -7.47 -1.63
C GLN B 206 1.11 -6.58 -2.64
N LEU B 207 1.65 -6.50 -3.85
CA LEU B 207 1.04 -5.68 -4.89
C LEU B 207 -0.46 -5.97 -5.06
N CYS B 208 -0.82 -7.26 -4.99
CA CYS B 208 -2.23 -7.65 -5.14
C CYS B 208 -3.04 -7.00 -4.02
N ILE B 209 -2.42 -6.93 -2.85
CA ILE B 209 -3.04 -6.31 -1.70
C ILE B 209 -3.24 -4.81 -1.97
N ASP B 210 -2.20 -4.19 -2.53
CA ASP B 210 -2.24 -2.75 -2.86
C ASP B 210 -3.19 -2.49 -4.00
N LEU B 211 -3.68 -3.55 -4.63
CA LEU B 211 -4.60 -3.35 -5.71
C LEU B 211 -5.99 -3.73 -5.26
N GLY B 212 -6.21 -3.64 -3.95
CA GLY B 212 -7.52 -3.95 -3.41
C GLY B 212 -7.82 -5.40 -3.04
N TRP B 213 -6.94 -6.32 -3.41
CA TRP B 213 -7.20 -7.71 -3.05
C TRP B 213 -7.24 -7.86 -1.53
N LYS B 214 -8.22 -8.59 -1.01
CA LYS B 214 -8.35 -8.79 0.44
C LYS B 214 -7.55 -9.98 0.93
N PRO B 215 -6.44 -9.73 1.64
CA PRO B 215 -5.57 -10.80 2.17
C PRO B 215 -6.22 -11.79 3.16
N ARG B 216 -6.46 -13.01 2.69
CA ARG B 216 -7.05 -14.06 3.52
C ARG B 216 -6.09 -14.49 4.62
N TYR B 217 -4.83 -14.09 4.50
CA TYR B 217 -3.79 -14.39 5.47
C TYR B 217 -3.62 -15.87 5.83
N GLY B 218 -4.01 -16.75 4.90
CA GLY B 218 -3.87 -18.19 5.12
C GLY B 218 -2.49 -18.69 4.72
N ARG B 219 -2.38 -19.97 4.37
CA ARG B 219 -1.09 -20.53 3.97
C ARG B 219 -1.22 -21.18 2.59
N PHE B 220 -2.42 -21.17 2.05
CA PHE B 220 -2.67 -21.73 0.73
C PHE B 220 -3.78 -20.96 -0.01
N ASP B 221 -3.82 -19.64 0.21
CA ASP B 221 -4.81 -18.76 -0.42
C ASP B 221 -4.48 -18.47 -1.89
N VAL B 222 -5.22 -19.07 -2.81
CA VAL B 222 -4.97 -18.83 -4.22
C VAL B 222 -5.03 -17.33 -4.53
N LEU B 223 -3.96 -16.84 -5.15
CA LEU B 223 -3.80 -15.43 -5.52
C LEU B 223 -4.78 -15.03 -6.61
N PRO B 224 -5.06 -13.72 -6.72
CA PRO B 224 -5.98 -13.20 -7.73
C PRO B 224 -5.27 -12.99 -9.06
N LEU B 225 -6.03 -13.12 -10.15
CA LEU B 225 -5.52 -12.94 -11.51
C LEU B 225 -5.38 -11.44 -11.74
N VAL B 226 -4.15 -10.97 -11.94
CA VAL B 226 -3.90 -9.54 -12.17
C VAL B 226 -3.68 -9.34 -13.67
N LEU B 227 -4.73 -8.93 -14.36
CA LEU B 227 -4.66 -8.77 -15.81
C LEU B 227 -4.61 -7.36 -16.39
N GLN B 228 -3.78 -7.21 -17.44
CA GLN B 228 -3.55 -5.96 -18.13
C GLN B 228 -3.73 -6.13 -19.65
N ALA B 229 -4.67 -5.38 -20.22
CA ALA B 229 -4.93 -5.47 -21.66
C ALA B 229 -4.63 -4.16 -22.38
N ASP B 230 -4.03 -4.27 -23.57
CA ASP B 230 -3.68 -3.10 -24.39
C ASP B 230 -2.96 -1.99 -23.64
N GLY B 231 -1.84 -2.32 -23.02
CA GLY B 231 -1.08 -1.33 -22.30
C GLY B 231 -1.79 -0.62 -21.15
N GLN B 232 -3.03 -1.01 -20.88
CA GLN B 232 -3.78 -0.38 -19.81
C GLN B 232 -3.19 -0.73 -18.45
N ASP B 233 -3.94 -0.42 -17.38
CA ASP B 233 -3.52 -0.73 -16.01
C ASP B 233 -4.09 -2.10 -15.65
N PRO B 234 -3.49 -2.77 -14.64
CA PRO B 234 -4.01 -4.08 -14.26
C PRO B 234 -5.29 -4.04 -13.43
N GLU B 235 -6.10 -5.09 -13.59
CA GLU B 235 -7.37 -5.24 -12.86
C GLU B 235 -7.34 -6.63 -12.23
N VAL B 236 -7.60 -6.70 -10.94
CA VAL B 236 -7.60 -7.96 -10.21
C VAL B 236 -8.82 -8.82 -10.55
N PHE B 237 -8.64 -10.14 -10.63
CA PHE B 237 -9.73 -11.06 -10.95
C PHE B 237 -9.57 -12.32 -10.14
N GLU B 238 -10.52 -12.61 -9.27
CA GLU B 238 -10.46 -13.83 -8.46
C GLU B 238 -10.78 -15.01 -9.40
N ILE B 239 -9.99 -16.08 -9.34
CA ILE B 239 -10.25 -17.25 -10.19
C ILE B 239 -11.42 -18.04 -9.62
N PRO B 240 -12.49 -18.24 -10.41
CA PRO B 240 -13.65 -19.01 -9.93
C PRO B 240 -13.20 -20.32 -9.24
N PRO B 241 -13.33 -20.39 -7.90
CA PRO B 241 -12.96 -21.54 -7.05
C PRO B 241 -13.19 -22.93 -7.61
N ASP B 242 -14.33 -23.12 -8.28
CA ASP B 242 -14.69 -24.41 -8.87
C ASP B 242 -13.75 -24.78 -10.02
N LEU B 243 -13.00 -23.79 -10.50
CA LEU B 243 -12.05 -23.97 -11.60
C LEU B 243 -10.62 -24.26 -11.14
N VAL B 244 -10.39 -24.31 -9.84
CA VAL B 244 -9.05 -24.58 -9.31
C VAL B 244 -8.98 -25.94 -8.61
N LEU B 245 -8.33 -26.90 -9.26
CA LEU B 245 -8.21 -28.25 -8.70
C LEU B 245 -6.95 -28.44 -7.87
N GLU B 246 -7.13 -28.79 -6.60
CA GLU B 246 -6.01 -29.02 -5.70
C GLU B 246 -5.97 -30.46 -5.21
N VAL B 247 -4.80 -30.87 -4.75
CA VAL B 247 -4.56 -32.22 -4.24
C VAL B 247 -4.11 -32.08 -2.78
N THR B 248 -4.75 -32.82 -1.89
CA THR B 248 -4.39 -32.79 -0.46
C THR B 248 -3.34 -33.87 -0.28
N MET B 249 -2.17 -33.44 0.18
CA MET B 249 -1.05 -34.34 0.33
C MET B 249 -1.20 -35.36 1.45
N GLU B 250 -0.74 -36.57 1.18
CA GLU B 250 -0.81 -37.63 2.17
C GLU B 250 0.09 -38.81 1.80
N HIS B 251 0.73 -39.38 2.81
CA HIS B 251 1.66 -40.50 2.63
C HIS B 251 0.98 -41.88 2.74
N PRO B 252 1.31 -42.81 1.82
CA PRO B 252 0.75 -44.16 1.81
C PRO B 252 1.18 -45.00 3.02
N LYS B 253 1.82 -44.37 3.99
CA LYS B 253 2.27 -45.05 5.20
C LYS B 253 2.01 -44.13 6.40
N TYR B 254 2.94 -43.20 6.60
CA TYR B 254 2.88 -42.25 7.69
C TYR B 254 1.55 -41.52 7.78
N GLU B 255 0.63 -42.12 8.54
CA GLU B 255 -0.70 -41.58 8.74
C GLU B 255 -0.61 -40.15 9.28
N TRP B 256 0.47 -39.87 10.01
CA TRP B 256 0.73 -38.55 10.60
C TRP B 256 1.04 -37.49 9.55
N PHE B 257 1.40 -37.95 8.35
CA PHE B 257 1.75 -37.03 7.29
C PHE B 257 0.58 -36.10 6.96
N GLN B 258 -0.60 -36.67 6.72
CA GLN B 258 -1.79 -35.87 6.40
C GLN B 258 -2.06 -34.76 7.44
N GLU B 259 -1.64 -34.99 8.67
CA GLU B 259 -1.81 -34.02 9.75
C GLU B 259 -1.05 -32.73 9.46
N LEU B 260 -0.09 -32.80 8.54
CA LEU B 260 0.72 -31.64 8.16
C LEU B 260 -0.12 -30.57 7.47
N GLY B 261 -1.20 -30.99 6.84
CA GLY B 261 -2.07 -30.04 6.16
C GLY B 261 -1.41 -29.42 4.96
N LEU B 262 -0.91 -30.27 4.07
CA LEU B 262 -0.24 -29.81 2.87
C LEU B 262 -1.13 -30.12 1.66
N LYS B 263 -1.29 -29.11 0.80
CA LYS B 263 -2.11 -29.24 -0.42
C LYS B 263 -1.34 -28.51 -1.50
N TRP B 264 -1.72 -28.74 -2.76
CA TRP B 264 -1.05 -28.06 -3.86
C TRP B 264 -1.91 -28.13 -5.11
N TYR B 265 -1.97 -27.03 -5.86
CA TYR B 265 -2.77 -27.02 -7.08
C TYR B 265 -2.21 -28.04 -8.08
N ALA B 266 -3.08 -28.50 -8.97
CA ALA B 266 -2.70 -29.51 -9.96
C ALA B 266 -2.32 -28.99 -11.33
N LEU B 267 -2.45 -27.69 -11.54
CA LEU B 267 -2.15 -27.11 -12.84
C LEU B 267 -0.90 -26.22 -12.92
N PRO B 268 0.23 -26.79 -13.37
CA PRO B 268 1.44 -25.96 -13.47
C PRO B 268 1.36 -25.17 -14.78
N ALA B 269 0.99 -23.89 -14.68
CA ALA B 269 0.85 -23.05 -15.86
C ALA B 269 1.54 -21.70 -15.71
N VAL B 270 2.54 -21.46 -16.57
CA VAL B 270 3.32 -20.22 -16.57
C VAL B 270 2.55 -19.08 -17.22
N ALA B 271 2.48 -17.95 -16.53
CA ALA B 271 1.74 -16.81 -17.06
C ALA B 271 2.59 -15.60 -17.41
N ASN B 272 3.87 -15.63 -17.04
CA ASN B 272 4.74 -14.48 -17.27
C ASN B 272 5.88 -14.58 -18.28
N MET B 273 5.74 -15.35 -19.34
CA MET B 273 6.84 -15.41 -20.28
C MET B 273 6.46 -14.80 -21.62
N LEU B 274 7.46 -14.59 -22.46
CA LEU B 274 7.27 -14.00 -23.77
C LEU B 274 7.62 -14.94 -24.90
N LEU B 275 6.70 -15.05 -25.86
CA LEU B 275 6.90 -15.90 -27.02
C LEU B 275 7.37 -15.04 -28.17
N GLU B 276 8.57 -15.31 -28.67
CA GLU B 276 9.14 -14.56 -29.80
C GLU B 276 9.18 -15.46 -31.02
N VAL B 277 8.41 -15.12 -32.04
CA VAL B 277 8.39 -15.92 -33.24
C VAL B 277 8.53 -15.05 -34.48
N GLY B 278 9.53 -15.34 -35.30
CA GLY B 278 9.75 -14.57 -36.51
C GLY B 278 9.82 -13.07 -36.34
N GLY B 279 10.38 -12.61 -35.24
CA GLY B 279 10.50 -11.18 -35.02
C GLY B 279 9.42 -10.62 -34.13
N LEU B 280 8.26 -11.27 -34.13
CA LEU B 280 7.16 -10.81 -33.30
C LEU B 280 7.32 -11.25 -31.85
N GLU B 281 6.62 -10.56 -30.96
CA GLU B 281 6.66 -10.85 -29.54
C GLU B 281 5.28 -10.79 -28.91
N PHE B 282 4.94 -11.83 -28.15
CA PHE B 282 3.66 -11.91 -27.45
C PHE B 282 4.02 -11.92 -25.98
N PRO B 283 3.86 -10.79 -25.29
CA PRO B 283 4.19 -10.77 -23.87
C PRO B 283 3.13 -11.39 -22.98
N ALA B 284 2.05 -11.87 -23.60
CA ALA B 284 0.96 -12.51 -22.87
C ALA B 284 0.63 -13.83 -23.56
N CYS B 285 0.95 -14.95 -22.91
CA CYS B 285 0.66 -16.27 -23.48
C CYS B 285 0.80 -17.42 -22.46
N PRO B 286 -0.20 -17.60 -21.58
CA PRO B 286 -0.18 -18.67 -20.58
C PRO B 286 -0.11 -20.06 -21.18
N PHE B 287 0.79 -20.90 -20.66
CA PHE B 287 0.95 -22.25 -21.16
C PHE B 287 1.11 -23.22 -19.99
N ASN B 288 0.57 -24.42 -20.13
CA ASN B 288 0.65 -25.41 -19.07
C ASN B 288 0.86 -26.80 -19.63
N GLY B 289 1.23 -27.71 -18.74
CA GLY B 289 1.45 -29.11 -19.07
C GLY B 289 1.12 -29.74 -17.74
N TRP B 290 1.86 -30.76 -17.30
CA TRP B 290 1.59 -31.35 -16.00
C TRP B 290 2.84 -31.35 -15.14
N TYR B 291 2.66 -31.66 -13.86
CA TYR B 291 3.75 -31.65 -12.91
C TYR B 291 4.74 -32.80 -12.95
N MET B 292 5.93 -32.52 -12.42
CA MET B 292 7.00 -33.50 -12.28
C MET B 292 7.11 -33.54 -10.76
N GLY B 293 6.90 -34.73 -10.20
CA GLY B 293 6.97 -34.89 -8.76
C GLY B 293 7.89 -33.94 -8.04
N THR B 294 9.19 -34.02 -8.35
CA THR B 294 10.17 -33.18 -7.69
C THR B 294 9.80 -31.70 -7.69
N GLU B 295 8.97 -31.28 -8.64
CA GLU B 295 8.58 -29.88 -8.69
C GLU B 295 7.98 -29.44 -7.37
N ILE B 296 6.90 -30.11 -6.98
CA ILE B 296 6.18 -29.83 -5.75
C ILE B 296 6.88 -30.46 -4.56
N GLY B 297 7.31 -31.70 -4.73
CA GLY B 297 7.97 -32.41 -3.65
C GLY B 297 9.28 -31.86 -3.11
N VAL B 298 10.29 -31.74 -3.97
CA VAL B 298 11.60 -31.27 -3.54
C VAL B 298 11.76 -29.76 -3.41
N ARG B 299 11.31 -29.02 -4.43
CA ARG B 299 11.43 -27.56 -4.43
C ARG B 299 10.34 -26.82 -3.68
N ASP B 300 9.14 -26.75 -4.25
CA ASP B 300 8.04 -26.07 -3.60
C ASP B 300 7.92 -26.30 -2.09
N PHE B 301 7.99 -27.54 -1.63
CA PHE B 301 7.89 -27.80 -0.20
C PHE B 301 9.20 -27.68 0.57
N CYS B 302 10.22 -28.42 0.16
CA CYS B 302 11.51 -28.43 0.85
C CYS B 302 12.47 -27.25 0.75
N ASP B 303 12.30 -26.37 -0.22
CA ASP B 303 13.18 -25.21 -0.35
C ASP B 303 13.11 -24.35 0.92
N THR B 304 14.25 -23.85 1.37
CA THR B 304 14.21 -23.00 2.54
C THR B 304 13.52 -21.70 2.14
N GLN B 305 13.52 -21.40 0.85
CA GLN B 305 12.90 -20.17 0.32
C GLN B 305 11.44 -20.36 -0.07
N ARG B 306 10.89 -21.53 0.27
CA ARG B 306 9.51 -21.87 -0.04
C ARG B 306 8.73 -22.34 1.21
N TYR B 307 8.33 -23.61 1.26
CA TYR B 307 7.58 -24.06 2.44
C TYR B 307 8.40 -24.73 3.54
N ASN B 308 9.72 -24.73 3.36
CA ASN B 308 10.69 -25.26 4.31
C ASN B 308 10.30 -26.49 5.16
N ILE B 309 9.26 -27.20 4.73
CA ILE B 309 8.77 -28.37 5.46
C ILE B 309 9.76 -29.51 5.74
N LEU B 310 10.93 -29.48 5.09
CA LEU B 310 11.93 -30.56 5.21
C LEU B 310 12.42 -30.92 6.61
N GLU B 311 12.82 -29.93 7.40
CA GLU B 311 13.31 -30.20 8.75
C GLU B 311 12.19 -30.78 9.62
N GLU B 312 10.96 -30.40 9.29
CA GLU B 312 9.77 -30.86 10.02
C GLU B 312 9.47 -32.34 9.74
N VAL B 313 9.32 -32.70 8.48
CA VAL B 313 9.03 -34.09 8.12
C VAL B 313 10.10 -35.01 8.71
N GLY B 314 11.31 -34.48 8.88
CA GLY B 314 12.37 -35.29 9.43
C GLY B 314 12.03 -35.76 10.83
N ARG B 315 11.72 -34.79 11.70
CA ARG B 315 11.36 -35.07 13.08
C ARG B 315 10.27 -36.13 13.19
N ARG B 316 9.20 -35.98 12.42
CA ARG B 316 8.13 -36.96 12.47
C ARG B 316 8.48 -38.32 11.84
N MET B 317 9.78 -38.57 11.68
CA MET B 317 10.25 -39.83 11.16
C MET B 317 11.27 -40.23 12.20
N GLY B 318 11.41 -39.33 13.18
CA GLY B 318 12.33 -39.49 14.29
C GLY B 318 13.73 -39.64 13.77
N LEU B 319 14.20 -38.64 13.03
CA LEU B 319 15.53 -38.68 12.45
C LEU B 319 16.46 -37.69 13.16
N GLU B 320 17.76 -37.99 13.16
CA GLU B 320 18.75 -37.14 13.82
C GLU B 320 18.86 -35.75 13.19
N THR B 321 17.74 -35.02 13.17
CA THR B 321 17.69 -33.69 12.60
C THR B 321 18.91 -32.85 12.92
N HIS B 322 19.57 -33.15 14.03
CA HIS B 322 20.76 -32.39 14.46
C HIS B 322 22.07 -33.10 14.16
N THR B 323 22.03 -34.09 13.27
CA THR B 323 23.23 -34.83 12.88
C THR B 323 23.19 -34.83 11.36
N LEU B 324 23.76 -33.79 10.77
CA LEU B 324 23.79 -33.64 9.32
C LEU B 324 24.27 -34.93 8.66
N ALA B 325 25.43 -35.42 9.12
CA ALA B 325 26.06 -36.64 8.59
C ALA B 325 25.23 -37.92 8.67
N SER B 326 23.98 -37.83 9.14
CA SER B 326 23.13 -39.01 9.26
C SER B 326 22.26 -39.19 8.04
N LEU B 327 22.40 -38.28 7.08
CA LEU B 327 21.64 -38.32 5.84
C LEU B 327 20.12 -38.28 6.05
N TRP B 328 19.69 -37.77 7.21
CA TRP B 328 18.27 -37.70 7.47
C TRP B 328 17.51 -36.90 6.43
N LYS B 329 18.14 -35.87 5.86
CA LYS B 329 17.47 -35.07 4.84
C LYS B 329 17.17 -35.93 3.64
N ASP B 330 18.11 -36.80 3.28
CA ASP B 330 17.92 -37.70 2.16
C ASP B 330 16.72 -38.60 2.45
N ARG B 331 16.61 -39.04 3.70
CA ARG B 331 15.51 -39.92 4.15
C ARG B 331 14.15 -39.25 4.02
N ALA B 332 14.07 -38.00 4.51
CA ALA B 332 12.84 -37.23 4.50
C ALA B 332 12.37 -36.86 3.10
N VAL B 333 13.24 -36.17 2.36
CA VAL B 333 12.92 -35.72 1.03
C VAL B 333 12.35 -36.83 0.13
N THR B 334 12.76 -38.08 0.36
CA THR B 334 12.23 -39.17 -0.46
C THR B 334 10.76 -39.43 -0.14
N GLU B 335 10.46 -39.54 1.15
CA GLU B 335 9.10 -39.79 1.57
C GLU B 335 8.19 -38.69 1.07
N ILE B 336 8.68 -37.45 1.11
CA ILE B 336 7.88 -36.32 0.65
C ILE B 336 7.56 -36.51 -0.82
N ASN B 337 8.57 -36.93 -1.58
CA ASN B 337 8.38 -37.17 -3.00
C ASN B 337 7.39 -38.30 -3.19
N VAL B 338 7.42 -39.27 -2.27
CA VAL B 338 6.51 -40.40 -2.34
C VAL B 338 5.09 -39.88 -2.18
N ALA B 339 4.88 -39.17 -1.07
CA ALA B 339 3.57 -38.58 -0.77
C ALA B 339 3.02 -37.80 -1.97
N VAL B 340 3.80 -36.83 -2.45
CA VAL B 340 3.41 -36.01 -3.59
C VAL B 340 2.91 -36.89 -4.74
N LEU B 341 3.71 -37.87 -5.14
CA LEU B 341 3.33 -38.77 -6.23
C LEU B 341 2.10 -39.63 -5.94
N HIS B 342 2.07 -40.20 -4.74
CA HIS B 342 0.96 -41.05 -4.30
C HIS B 342 -0.34 -40.27 -4.28
N SER B 343 -0.33 -39.13 -3.61
CA SER B 343 -1.50 -38.28 -3.50
C SER B 343 -2.10 -37.94 -4.87
N PHE B 344 -1.26 -37.49 -5.80
CA PHE B 344 -1.74 -37.15 -7.15
C PHE B 344 -2.36 -38.36 -7.85
N GLN B 345 -1.69 -39.51 -7.76
CA GLN B 345 -2.17 -40.73 -8.38
C GLN B 345 -3.52 -41.19 -7.78
N LYS B 346 -3.62 -41.12 -6.46
CA LYS B 346 -4.84 -41.53 -5.74
C LYS B 346 -6.03 -40.65 -6.11
N GLN B 347 -5.77 -39.37 -6.36
CA GLN B 347 -6.82 -38.42 -6.72
C GLN B 347 -6.98 -38.28 -8.24
N ASN B 348 -6.29 -39.15 -8.97
CA ASN B 348 -6.31 -39.18 -10.42
C ASN B 348 -5.92 -37.91 -11.17
N VAL B 349 -4.92 -37.21 -10.65
CA VAL B 349 -4.44 -36.00 -11.29
C VAL B 349 -3.13 -36.36 -11.98
N THR B 350 -3.09 -36.17 -13.30
CA THR B 350 -1.92 -36.47 -14.12
C THR B 350 -0.60 -35.97 -13.49
N ILE B 351 0.38 -36.86 -13.34
CA ILE B 351 1.68 -36.49 -12.80
C ILE B 351 2.77 -37.44 -13.28
N MET B 352 4.02 -37.00 -13.18
CA MET B 352 5.15 -37.80 -13.65
C MET B 352 6.34 -37.70 -12.72
N ASP B 353 6.97 -38.84 -12.42
CA ASP B 353 8.13 -38.87 -11.54
C ASP B 353 9.38 -38.47 -12.31
N HIS B 354 10.42 -38.06 -11.58
CA HIS B 354 11.65 -37.61 -12.22
C HIS B 354 12.46 -38.66 -12.94
N HIS B 355 12.34 -39.92 -12.53
CA HIS B 355 13.09 -40.96 -13.21
C HIS B 355 12.45 -41.17 -14.57
N THR B 356 11.14 -41.26 -14.59
CA THR B 356 10.41 -41.46 -15.83
C THR B 356 10.57 -40.23 -16.71
N ALA B 357 10.38 -39.05 -16.13
CA ALA B 357 10.51 -37.81 -16.86
C ALA B 357 11.89 -37.78 -17.49
N SER B 358 12.88 -38.05 -16.66
CA SER B 358 14.29 -38.06 -17.05
C SER B 358 14.55 -39.00 -18.21
N GLU B 359 13.99 -40.20 -18.13
CA GLU B 359 14.17 -41.19 -19.18
C GLU B 359 13.52 -40.77 -20.48
N SER B 360 12.35 -40.13 -20.39
CA SER B 360 11.65 -39.67 -21.58
C SER B 360 12.51 -38.67 -22.33
N PHE B 361 13.02 -37.67 -21.62
CA PHE B 361 13.85 -36.66 -22.25
C PHE B 361 14.94 -37.29 -23.11
N MET B 362 15.71 -38.20 -22.52
CA MET B 362 16.75 -38.90 -23.24
C MET B 362 16.22 -39.40 -24.58
N LYS B 363 15.09 -40.09 -24.53
CA LYS B 363 14.45 -40.61 -25.74
C LYS B 363 14.25 -39.46 -26.69
N HIS B 364 13.69 -38.38 -26.17
CA HIS B 364 13.45 -37.18 -26.96
C HIS B 364 14.77 -36.72 -27.58
N MET B 365 15.72 -36.39 -26.72
CA MET B 365 17.03 -35.92 -27.15
C MET B 365 17.63 -36.77 -28.27
N GLN B 366 17.41 -38.08 -28.21
CA GLN B 366 17.91 -38.97 -29.24
C GLN B 366 17.22 -38.66 -30.56
N ASN B 367 15.90 -38.57 -30.52
CA ASN B 367 15.09 -38.28 -31.69
C ASN B 367 15.49 -36.94 -32.28
N GLU B 368 15.71 -35.96 -31.41
CA GLU B 368 16.08 -34.64 -31.86
C GLU B 368 17.40 -34.59 -32.60
N TYR B 369 18.39 -35.34 -32.14
CA TYR B 369 19.65 -35.31 -32.86
C TYR B 369 19.48 -36.00 -34.20
N ARG B 370 18.69 -37.06 -34.21
CA ARG B 370 18.45 -37.78 -35.44
C ARG B 370 17.59 -36.89 -36.34
N ALA B 371 16.49 -36.41 -35.80
CA ALA B 371 15.58 -35.54 -36.56
C ALA B 371 16.32 -34.32 -37.11
N ARG B 372 16.84 -33.44 -36.25
CA ARG B 372 17.54 -32.24 -36.74
C ARG B 372 18.94 -31.99 -36.21
N GLY B 373 19.73 -33.05 -36.10
CA GLY B 373 21.10 -32.92 -35.64
C GLY B 373 21.40 -31.98 -34.49
N GLY B 374 20.63 -32.07 -33.40
CA GLY B 374 20.87 -31.21 -32.26
C GLY B 374 19.66 -30.94 -31.37
N CYS B 375 19.92 -30.53 -30.13
CA CYS B 375 18.86 -30.24 -29.18
C CYS B 375 19.36 -29.31 -28.07
N PRO B 376 18.88 -28.06 -28.03
CA PRO B 376 19.36 -27.19 -26.95
C PRO B 376 18.92 -27.80 -25.63
N ALA B 377 19.80 -27.79 -24.64
CA ALA B 377 19.49 -28.37 -23.35
C ALA B 377 20.35 -27.78 -22.25
N ASP B 378 19.70 -27.33 -21.18
CA ASP B 378 20.40 -26.75 -20.05
C ASP B 378 20.58 -27.84 -19.00
N TRP B 379 21.69 -28.55 -19.10
CA TRP B 379 22.03 -29.63 -18.19
C TRP B 379 21.70 -29.26 -16.74
N ILE B 380 21.93 -28.01 -16.37
CA ILE B 380 21.67 -27.56 -15.01
C ILE B 380 20.20 -27.61 -14.60
N TRP B 381 19.29 -27.30 -15.53
CA TRP B 381 17.85 -27.33 -15.25
C TRP B 381 17.23 -28.72 -15.46
N LEU B 382 17.70 -29.42 -16.48
CA LEU B 382 17.18 -30.75 -16.82
C LEU B 382 17.43 -31.88 -15.81
N VAL B 383 18.51 -31.79 -15.04
CA VAL B 383 18.77 -32.82 -14.03
C VAL B 383 17.94 -32.50 -12.78
N PRO B 384 17.20 -33.50 -12.25
CA PRO B 384 16.34 -33.40 -11.07
C PRO B 384 17.04 -32.91 -9.77
N PRO B 385 16.32 -32.12 -8.95
CA PRO B 385 16.84 -31.57 -7.70
C PRO B 385 17.21 -32.64 -6.68
N VAL B 386 16.96 -33.89 -7.05
CA VAL B 386 17.27 -35.05 -6.22
C VAL B 386 17.57 -36.20 -7.17
N SER B 387 18.51 -37.07 -6.81
CA SER B 387 18.87 -38.24 -7.62
C SER B 387 19.58 -37.91 -8.92
N GLY B 388 20.31 -36.80 -8.97
CA GLY B 388 21.00 -36.41 -10.18
C GLY B 388 21.68 -37.56 -10.93
N SER B 389 22.75 -38.08 -10.32
CA SER B 389 23.52 -39.18 -10.90
C SER B 389 22.71 -40.43 -11.26
N ILE B 390 21.63 -40.67 -10.49
CA ILE B 390 20.75 -41.83 -10.67
C ILE B 390 19.80 -41.74 -11.89
N THR B 391 19.74 -40.58 -12.51
CA THR B 391 18.89 -40.40 -13.69
C THR B 391 19.85 -40.41 -14.87
N PRO B 392 19.38 -40.80 -16.06
CA PRO B 392 20.28 -40.82 -17.21
C PRO B 392 20.81 -39.46 -17.69
N VAL B 393 19.96 -38.44 -17.70
CA VAL B 393 20.37 -37.12 -18.17
C VAL B 393 21.69 -36.63 -17.60
N PHE B 394 21.92 -36.93 -16.33
CA PHE B 394 23.13 -36.51 -15.62
C PHE B 394 24.44 -36.92 -16.30
N HIS B 395 24.46 -38.07 -16.98
CA HIS B 395 25.65 -38.58 -17.67
C HIS B 395 25.71 -38.17 -19.14
N GLN B 396 24.81 -37.28 -19.53
CA GLN B 396 24.71 -36.80 -20.90
C GLN B 396 25.25 -35.37 -21.00
N GLU B 397 26.25 -35.16 -21.85
CA GLU B 397 26.80 -33.83 -22.06
C GLU B 397 25.79 -33.18 -23.01
N MET B 398 25.68 -31.85 -22.98
CA MET B 398 24.73 -31.15 -23.85
C MET B 398 25.12 -29.71 -24.21
N LEU B 399 24.54 -29.21 -25.30
CA LEU B 399 24.81 -27.86 -25.73
C LEU B 399 23.60 -26.99 -25.45
N ASN B 400 23.82 -25.84 -24.82
CA ASN B 400 22.73 -24.92 -24.49
C ASN B 400 22.89 -23.64 -25.31
N TYR B 401 21.94 -23.42 -26.22
CA TYR B 401 21.92 -22.24 -27.08
C TYR B 401 20.48 -21.78 -27.28
N VAL B 402 20.28 -20.51 -27.63
CA VAL B 402 18.94 -19.97 -27.82
C VAL B 402 18.47 -19.88 -29.27
N LEU B 403 17.47 -20.68 -29.63
CA LEU B 403 16.94 -20.67 -30.99
C LEU B 403 15.70 -19.78 -31.11
N SER B 404 14.88 -20.03 -32.12
CA SER B 404 13.65 -19.27 -32.32
C SER B 404 12.68 -20.06 -33.18
N PRO B 405 11.37 -19.97 -32.88
CA PRO B 405 10.70 -19.21 -31.81
C PRO B 405 11.28 -19.52 -30.43
N PHE B 406 10.93 -18.72 -29.43
CA PHE B 406 11.47 -18.92 -28.08
C PHE B 406 10.55 -18.35 -26.99
N TYR B 407 10.71 -18.85 -25.77
CA TYR B 407 9.94 -18.38 -24.64
C TYR B 407 10.92 -17.65 -23.73
N TYR B 408 10.99 -16.34 -23.87
CA TYR B 408 11.91 -15.53 -23.08
C TYR B 408 11.25 -15.08 -21.78
N TYR B 409 12.07 -14.74 -20.78
CA TYR B 409 11.56 -14.23 -19.51
C TYR B 409 11.34 -12.75 -19.81
N GLN B 410 10.74 -12.00 -18.88
CA GLN B 410 10.53 -10.57 -19.09
C GLN B 410 10.84 -9.85 -17.79
N ILE B 411 10.75 -8.52 -17.79
CA ILE B 411 10.99 -7.75 -16.57
C ILE B 411 9.62 -7.61 -15.88
N GLU B 412 9.55 -7.90 -14.57
CA GLU B 412 8.28 -7.81 -13.86
C GLU B 412 7.57 -6.57 -14.30
N PRO B 413 6.35 -6.73 -14.83
CA PRO B 413 5.54 -5.61 -15.30
C PRO B 413 5.54 -4.39 -14.39
N TRP B 414 5.22 -4.61 -13.11
CA TRP B 414 5.14 -3.50 -12.16
C TRP B 414 6.43 -2.69 -12.02
N LYS B 415 7.53 -3.21 -12.55
CA LYS B 415 8.80 -2.50 -12.48
C LYS B 415 9.02 -1.63 -13.71
N THR B 416 8.07 -1.64 -14.64
CA THR B 416 8.20 -0.85 -15.86
C THR B 416 6.89 -0.23 -16.32
N HIS B 417 5.78 -0.70 -15.75
CA HIS B 417 4.45 -0.20 -16.10
C HIS B 417 4.25 1.27 -15.74
N ILE B 418 3.92 2.09 -16.75
CA ILE B 418 3.67 3.52 -16.51
C ILE B 418 2.19 3.70 -16.19
N TRP B 419 1.87 3.82 -14.89
CA TRP B 419 0.47 3.95 -14.48
C TRP B 419 -0.34 5.11 -15.09
ZN ZN C . -26.98 29.21 11.57
CHA HEM D . -11.01 22.96 20.48
CHB HEM D . -10.32 22.84 25.19
CHC HEM D . -6.36 25.40 24.42
CHD HEM D . -7.60 26.25 19.90
C1A HEM D . -11.12 22.60 21.81
C2A HEM D . -11.96 21.53 22.36
C3A HEM D . -11.83 21.61 23.70
C4A HEM D . -10.89 22.67 23.97
CMA HEM D . -12.49 20.71 24.71
CAA HEM D . -12.79 20.45 21.69
CBA HEM D . -12.16 19.59 20.60
CGA HEM D . -13.06 18.43 20.19
O1A HEM D . -12.76 17.77 19.17
O2A HEM D . -14.05 18.18 20.91
C1B HEM D . -9.19 23.58 25.39
C2B HEM D . -8.52 23.62 26.65
C3B HEM D . -7.42 24.35 26.46
C4B HEM D . -7.38 24.74 25.06
CMB HEM D . -8.93 22.94 27.95
CAB HEM D . -6.51 24.59 27.45
CBB HEM D . -5.72 25.69 27.60
C1C HEM D . -6.31 25.78 23.11
C2C HEM D . -5.17 26.38 22.48
C3C HEM D . -5.49 26.68 21.19
C4C HEM D . -6.87 26.19 21.08
CMC HEM D . -3.82 26.60 23.14
CAC HEM D . -4.73 27.28 20.17
CBC HEM D . -3.74 28.25 20.30
C1D HEM D . -8.78 25.58 19.68
C2D HEM D . -9.39 25.41 18.36
C3D HEM D . -10.28 24.44 18.51
C4D HEM D . -10.24 23.99 19.92
CMD HEM D . -9.13 26.16 17.04
CAD HEM D . -11.17 23.94 17.42
CBD HEM D . -10.72 22.58 16.96
CGD HEM D . -11.58 22.05 15.85
O1D HEM D . -11.35 20.92 15.39
O2D HEM D . -12.50 22.77 15.44
NA HEM D . -10.44 23.27 22.82
NB HEM D . -8.51 24.29 24.41
NC HEM D . -7.33 25.60 22.25
ND HEM D . -9.34 24.76 20.64
FE HEM D . -9.00 24.71 22.59
N1 H4B E . -18.48 19.42 20.27
C2 H4B E . -17.15 19.21 20.43
N2 H4B E . -16.45 19.81 21.36
N3 H4B E . -16.54 18.34 19.59
C4 H4B E . -17.17 17.63 18.55
O4 H4B E . -16.50 16.86 17.84
C4A H4B E . -18.56 17.91 18.43
C8A H4B E . -19.20 18.79 19.28
N5 H4B E . -19.32 17.23 17.37
N8 H4B E . -20.52 19.05 19.18
C6 H4B E . -20.53 18.04 16.92
C7 H4B E . -21.35 18.40 18.14
C9 H4B E . -21.25 17.19 15.85
O9 H4B E . -21.68 15.94 16.35
C10 H4B E . -22.50 17.89 15.28
C11 H4B E . -23.19 17.09 14.24
O10 H4B E . -22.03 19.15 14.79
S ARR F . -5.69 22.09 23.50
S ARR F . -5.69 22.09 23.50
C1 ARR F . -4.88 22.68 22.41
C1 ARR F . -4.88 22.68 22.41
C2 ARR F . -5.10 22.11 21.23
C2 ARR F . -5.10 22.11 21.23
C3 ARR F . -6.01 21.16 21.38
C3 ARR F . -6.01 21.16 21.38
C4 ARR F . -6.41 21.07 22.69
C4 ARR F . -6.41 21.07 22.69
C5 ARR F . -7.36 20.22 23.22
C5 ARR F . -7.36 20.22 23.22
N3 ARR F . -7.81 20.39 24.43
N3 ARR F . -7.81 20.39 24.43
N1 ARR F . -7.80 19.10 22.58
N1 ARR F . -7.80 19.10 22.58
C6 ARR F . -8.08 18.98 21.22
C6 ARR F . -8.08 18.98 21.22
C10 ARR F . -8.11 20.11 20.32
C10 ARR F . -8.11 20.11 20.32
C11 ARR F . -8.39 19.95 18.95
C11 ARR F . -8.39 19.95 18.95
C9 ARR F . -8.67 18.66 18.42
C9 ARR F . -8.67 18.66 18.42
C8 ARR F . -8.64 17.54 19.31
C8 ARR F . -8.64 17.54 19.31
C7 ARR F . -8.35 17.67 20.69
C7 ARR F . -8.35 17.67 20.69
C12 ARR F . -8.96 18.48 16.96
C12 ARR F . -8.96 18.48 16.96
C13 ARR F . -10.25 17.68 16.72
C13 ARR F . -10.25 17.68 16.72
N2 ARR F . -10.81 18.06 15.45
N2 ARR F . -10.83 18.10 15.48
C14 ARR F . -11.05 16.94 14.57
C14 ARR F . -12.27 17.92 15.41
C15 ARR F . -10.95 17.35 13.10
C15 ARR F . -12.64 16.55 14.88
C20 ARR F . -9.95 18.27 12.67
C20 ARR F . -12.01 15.36 15.40
C19 ARR F . -9.85 18.66 11.30
C19 ARR F . -12.36 14.07 14.90
C18 ARR F . -10.77 18.10 10.35
C18 ARR F . -13.35 13.95 13.88
C17 ARR F . -11.77 17.18 10.77
C17 ARR F . -13.97 15.13 13.34
C16 ARR F . -11.86 16.80 12.13
C16 ARR F . -13.61 16.41 13.85
CL ARR F . -8.65 19.78 10.78
CL ARR F . -11.61 12.65 15.54
ZN ZN G . 28.92 -21.48 -20.57
CHA HEM H . 10.18 -25.87 -17.36
CHB HEM H . 8.07 -30.18 -17.02
CHC HEM H . 5.27 -28.96 -20.68
CHD HEM H . 7.78 -24.95 -21.36
C1A HEM H . 9.81 -27.13 -16.90
C2A HEM H . 10.21 -27.68 -15.62
C3A HEM H . 9.67 -28.91 -15.56
C4A HEM H . 8.88 -29.11 -16.78
CMA HEM H . 9.82 -29.90 -14.43
CAA HEM H . 10.94 -26.98 -14.49
CBA HEM H . 10.30 -25.73 -13.89
CGA HEM H . 11.15 -25.13 -12.77
O1A HEM H . 10.81 -24.05 -12.25
O2A HEM H . 12.17 -25.76 -12.41
C1B HEM H . 7.17 -30.27 -18.06
C2B HEM H . 6.20 -31.32 -18.21
C3B HEM H . 5.40 -30.99 -19.23
C4B HEM H . 5.89 -29.73 -19.73
CMB HEM H . 6.04 -32.55 -17.35
CAB HEM H . 4.34 -31.71 -19.70
CBB HEM H . 4.59 -32.90 -20.36
C1C HEM H . 5.66 -27.71 -21.10
C2C HEM H . 4.91 -26.87 -22.04
C3C HEM H . 5.63 -25.76 -22.28
C4C HEM H . 6.80 -25.89 -21.43
CMC HEM H . 3.55 -27.23 -22.67
CAC HEM H . 5.40 -24.73 -23.20
CBC HEM H . 4.70 -24.80 -24.38
C1D HEM H . 8.79 -24.93 -20.44
C2D HEM H . 9.70 -23.80 -20.24
C3D HEM H . 10.33 -24.02 -19.08
C4D HEM H . 9.81 -25.30 -18.55
CMD HEM H . 9.96 -22.62 -21.16
CAD HEM H . 11.35 -23.08 -18.50
CBD HEM H . 10.76 -22.37 -17.30
CGD HEM H . 11.71 -21.34 -16.74
O1D HEM H . 11.35 -20.71 -15.72
O2D HEM H . 12.80 -21.18 -17.30
NA HEM H . 8.99 -28.00 -17.61
NB HEM H . 7.00 -29.31 -19.03
NC HEM H . 6.80 -27.07 -20.68
ND HEM H . 8.92 -25.87 -19.45
FE HEM H . 8.13 -27.69 -19.42
N1 H4B I . 16.75 -26.54 -12.19
C2 H4B I . 15.42 -26.42 -12.32
N2 H4B I . 14.71 -27.26 -13.03
N3 H4B I . 14.81 -25.37 -11.70
C4 H4B I . 15.47 -24.39 -10.91
O4 H4B I . 14.79 -23.49 -10.39
C4A H4B I . 16.86 -24.59 -10.81
C8A H4B I . 17.51 -25.65 -11.45
N5 H4B I . 17.66 -23.64 -10.03
N8 H4B I . 18.83 -25.84 -11.36
C6 H4B I . 19.08 -23.53 -10.54
C7 H4B I . 19.68 -24.92 -10.60
C9 H4B I . 19.81 -22.54 -9.62
O9 H4B I . 19.82 -22.99 -8.27
C10 H4B I . 21.28 -22.33 -10.05
C11 H4B I . 22.02 -21.39 -9.18
O10 H4B I . 21.20 -21.87 -11.40
S ARR J . 4.35 -27.29 -17.57
S ARR J . 4.35 -27.29 -17.57
C1 ARR J . 3.98 -26.17 -18.45
C1 ARR J . 3.98 -26.17 -18.45
C2 ARR J . 4.36 -24.99 -17.97
C2 ARR J . 4.36 -24.99 -17.97
C3 ARR J . 4.96 -25.19 -16.81
C3 ARR J . 4.96 -25.19 -16.81
C4 ARR J . 4.99 -26.52 -16.50
C4 ARR J . 4.99 -26.52 -16.50
C5 ARR J . 5.56 -27.11 -15.37
C5 ARR J . 5.56 -27.11 -15.37
N3 ARR J . 5.73 -28.40 -15.32
N3 ARR J . 5.73 -28.40 -15.32
N1 ARR J . 5.90 -26.41 -14.26
N1 ARR J . 5.90 -26.41 -14.26
C6 ARR J . 6.48 -25.15 -14.19
C6 ARR J . 6.48 -25.15 -14.19
C10 ARR J . 6.97 -24.46 -15.37
C10 ARR J . 6.97 -24.46 -15.37
C11 ARR J . 7.55 -23.17 -15.27
C11 ARR J . 7.55 -23.17 -15.27
C9 ARR J . 7.66 -22.53 -14.01
C9 ARR J . 7.66 -22.53 -14.01
C8 ARR J . 7.16 -23.21 -12.85
C8 ARR J . 7.16 -23.21 -12.85
C7 ARR J . 6.58 -24.50 -12.92
C7 ARR J . 6.58 -24.50 -12.92
C12 ARR J . 8.26 -21.15 -13.90
C12 ARR J . 8.26 -21.15 -13.90
C13 ARR J . 9.36 -21.09 -12.83
C13 ARR J . 9.36 -21.09 -12.83
N2 ARR J . 10.31 -20.08 -13.21
N2 ARR J . 10.31 -20.08 -13.21
C14 ARR J . 10.59 -19.13 -12.16
C14 ARR J . 11.64 -20.31 -12.68
C15 ARR J . 11.00 -17.78 -12.72
C15 ARR J . 11.81 -19.67 -11.32
C20 ARR J . 10.22 -17.16 -13.76
C20 ARR J . 10.83 -19.85 -10.28
C19 ARR J . 10.59 -15.88 -14.29
C19 ARR J . 11.01 -19.25 -8.99
C18 ARR J . 11.76 -15.22 -13.79
C18 ARR J . 12.16 -18.46 -8.73
C17 ARR J . 12.54 -15.83 -12.75
C17 ARR J . 13.13 -18.27 -9.76
C16 ARR J . 12.15 -17.09 -12.23
C16 ARR J . 12.97 -18.86 -11.03
CL ARR J . 9.65 -15.15 -15.53
CL ARR J . 9.81 -19.48 -7.77
#